data_4KYZ
#
_entry.id   4KYZ
#
_cell.length_a   43.819
_cell.length_b   55.402
_cell.length_c   78.258
_cell.angle_alpha   82.030
_cell.angle_beta   80.340
_cell.angle_gamma   90.030
#
_symmetry.space_group_name_H-M   'P 1'
#
loop_
_entity.id
_entity.type
_entity.pdbx_description
1 polymer 'Designed protein OR327'
2 water water
#
_entity_poly.entity_id   1
_entity_poly.type   'polypeptide(L)'
_entity_poly.pdbx_seq_one_letter_code
;(MSE)GDIQVQVNIDDNGKNFDYTYTVTTESELQKVLNEL(MSE)DYIKKQGAKRVRISITARSSKEAYKFLAILAKVFA
ELGYNDINRK(MSE)TVRFRGDDLEALEKALKE(MSE)IRQARKFAGTVTYTLDGNDLEITITGVPRQVLEELAKEAERL
AKEFNITITITVTVEGQLGSLEHHHHHH
;
_entity_poly.pdbx_strand_id   A,B,C,D
#
# COMPACT_ATOMS: atom_id res chain seq x y z
N ASP A 3 11.88 -24.45 18.50
CA ASP A 3 11.18 -23.49 19.34
C ASP A 3 9.77 -23.16 18.82
N ILE A 4 9.71 -22.51 17.66
CA ILE A 4 8.42 -22.28 17.03
C ILE A 4 8.32 -23.05 15.72
N GLN A 5 7.24 -23.79 15.56
CA GLN A 5 7.02 -24.53 14.34
C GLN A 5 5.72 -24.10 13.65
N VAL A 6 5.83 -23.78 12.36
CA VAL A 6 4.66 -23.37 11.60
C VAL A 6 4.51 -24.26 10.38
N GLN A 7 3.32 -24.86 10.26
CA GLN A 7 3.00 -25.79 9.17
C GLN A 7 1.87 -25.27 8.31
N VAL A 8 2.10 -25.25 7.02
CA VAL A 8 1.17 -24.63 6.12
C VAL A 8 0.69 -25.62 5.07
N ASN A 9 -0.62 -25.73 4.93
CA ASN A 9 -1.24 -26.46 3.84
C ASN A 9 -1.98 -25.48 2.94
N ILE A 10 -1.62 -25.46 1.67
CA ILE A 10 -2.32 -24.67 0.68
C ILE A 10 -3.03 -25.59 -0.29
N ASP A 11 -4.36 -25.53 -0.30
CA ASP A 11 -5.16 -26.28 -1.25
C ASP A 11 -5.48 -25.35 -2.42
N ASP A 12 -4.82 -25.57 -3.56
CA ASP A 12 -5.14 -24.84 -4.78
C ASP A 12 -5.85 -25.78 -5.75
N ASN A 13 -6.82 -26.51 -5.21
CA ASN A 13 -7.70 -27.46 -5.91
C ASN A 13 -7.24 -28.15 -7.21
N GLY A 14 -7.12 -29.47 -7.13
CA GLY A 14 -6.61 -30.28 -8.23
C GLY A 14 -5.18 -30.64 -7.90
N LYS A 15 -4.60 -29.80 -7.04
CA LYS A 15 -3.25 -29.95 -6.54
C LYS A 15 -3.16 -29.44 -5.10
N ASN A 16 -2.01 -29.59 -4.47
CA ASN A 16 -1.92 -29.41 -3.03
C ASN A 16 -0.47 -29.30 -2.52
N PHE A 17 -0.21 -28.27 -1.71
CA PHE A 17 1.15 -27.98 -1.28
C PHE A 17 1.36 -27.81 0.24
N ASP A 18 2.27 -28.60 0.80
CA ASP A 18 2.56 -28.59 2.24
C ASP A 18 4.03 -28.32 2.51
N TYR A 19 4.30 -27.55 3.56
CA TYR A 19 5.64 -27.21 3.94
C TYR A 19 5.66 -26.75 5.37
N THR A 20 6.86 -26.72 5.95
CA THR A 20 7.02 -26.37 7.34
C THR A 20 8.32 -25.60 7.55
N TYR A 21 8.26 -24.57 8.37
CA TYR A 21 9.48 -23.96 8.87
C TYR A 21 9.50 -24.13 10.38
N THR A 22 10.69 -24.33 10.92
CA THR A 22 10.92 -24.17 12.34
C THR A 22 11.71 -22.88 12.49
N VAL A 23 11.37 -22.06 13.47
CA VAL A 23 11.94 -20.74 13.64
C VAL A 23 12.02 -20.43 15.13
N THR A 24 12.87 -19.47 15.51
CA THR A 24 13.14 -19.23 16.93
C THR A 24 12.57 -17.94 17.48
N THR A 25 12.17 -17.02 16.61
CA THR A 25 11.63 -15.74 17.05
C THR A 25 10.29 -15.44 16.43
N GLU A 26 9.54 -14.53 17.04
CA GLU A 26 8.29 -14.05 16.45
C GLU A 26 8.52 -13.36 15.12
N SER A 27 9.64 -12.66 15.01
CA SER A 27 10.00 -11.99 13.77
C SER A 27 10.20 -12.93 12.58
N GLU A 28 10.85 -14.08 12.80
CA GLU A 28 11.04 -15.06 11.74
C GLU A 28 9.74 -15.75 11.38
N LEU A 29 8.87 -15.87 12.37
CA LEU A 29 7.54 -16.40 12.16
C LEU A 29 6.81 -15.46 11.20
N GLN A 30 6.80 -14.18 11.56
CA GLN A 30 6.12 -13.15 10.78
C GLN A 30 6.57 -13.15 9.33
N LYS A 31 7.86 -13.33 9.11
CA LYS A 31 8.38 -13.32 7.74
C LYS A 31 7.85 -14.49 6.89
N VAL A 32 7.60 -15.64 7.51
CA VAL A 32 6.97 -16.75 6.81
C VAL A 32 5.54 -16.39 6.43
N LEU A 33 4.78 -15.89 7.40
CA LEU A 33 3.42 -15.45 7.15
C LEU A 33 3.31 -14.34 6.09
N ASN A 34 4.23 -13.38 6.12
CA ASN A 34 4.26 -12.34 5.09
C ASN A 34 4.46 -12.92 3.72
N GLU A 35 5.38 -13.88 3.61
CA GLU A 35 5.61 -14.50 2.32
C GLU A 35 4.36 -15.22 1.85
N LEU A 36 3.65 -15.82 2.79
CA LEU A 36 2.46 -16.57 2.43
C LEU A 36 1.32 -15.60 2.07
N ASP A 38 1.66 -12.54 0.70
CA ASP A 38 1.98 -12.08 -0.67
C ASP A 38 1.53 -13.09 -1.70
N TYR A 39 1.82 -14.37 -1.45
CA TYR A 39 1.48 -15.40 -2.41
C TYR A 39 -0.04 -15.55 -2.57
N ILE A 40 -0.74 -15.52 -1.43
CA ILE A 40 -2.17 -15.69 -1.47
C ILE A 40 -2.84 -14.51 -2.20
N LYS A 41 -2.37 -13.30 -1.89
CA LYS A 41 -2.92 -12.09 -2.50
C LYS A 41 -2.78 -12.16 -4.00
N LYS A 42 -1.67 -12.73 -4.45
CA LYS A 42 -1.30 -12.72 -5.86
C LYS A 42 -1.68 -13.97 -6.68
N GLN A 43 -1.92 -15.09 -6.01
CA GLN A 43 -2.18 -16.36 -6.70
C GLN A 43 -3.43 -17.07 -6.19
N GLY A 44 -3.90 -16.68 -5.01
CA GLY A 44 -5.10 -17.25 -4.43
C GLY A 44 -4.97 -18.69 -3.99
N ALA A 45 -6.05 -19.23 -3.42
CA ALA A 45 -6.12 -20.64 -3.08
C ALA A 45 -7.57 -21.04 -2.84
N LYS A 46 -7.90 -22.31 -2.98
CA LYS A 46 -9.23 -22.77 -2.62
C LYS A 46 -9.37 -22.74 -1.09
N ARG A 47 -8.31 -23.12 -0.38
CA ARG A 47 -8.33 -23.19 1.07
C ARG A 47 -6.91 -23.14 1.63
N VAL A 48 -6.74 -22.63 2.84
CA VAL A 48 -5.42 -22.62 3.48
C VAL A 48 -5.52 -23.08 4.93
N ARG A 49 -4.58 -23.91 5.37
CA ARG A 49 -4.52 -24.30 6.77
C ARG A 49 -3.16 -23.94 7.37
N ILE A 50 -3.16 -23.32 8.55
CA ILE A 50 -1.93 -22.90 9.21
C ILE A 50 -1.91 -23.42 10.64
N SER A 51 -0.82 -24.08 11.02
CA SER A 51 -0.62 -24.57 12.39
C SER A 51 0.63 -23.93 12.98
N ILE A 52 0.50 -23.38 14.18
CA ILE A 52 1.66 -22.88 14.86
C ILE A 52 1.73 -23.58 16.21
N THR A 53 2.93 -24.04 16.54
CA THR A 53 3.21 -24.83 17.73
C THR A 53 4.02 -24.00 18.73
N ALA A 54 3.39 -23.68 19.85
CA ALA A 54 4.00 -22.86 20.91
C ALA A 54 4.51 -23.72 22.06
N ARG A 55 5.32 -23.10 22.92
CA ARG A 55 5.83 -23.74 24.12
C ARG A 55 5.05 -23.28 25.34
N SER A 56 4.18 -22.29 25.18
CA SER A 56 3.45 -21.70 26.32
C SER A 56 2.09 -21.16 25.96
N SER A 57 1.26 -20.97 26.98
CA SER A 57 -0.07 -20.45 26.73
C SER A 57 -0.03 -18.98 26.28
N LYS A 58 0.93 -18.20 26.79
CA LYS A 58 1.08 -16.83 26.34
C LYS A 58 1.41 -16.78 24.85
N GLU A 59 2.24 -17.72 24.37
CA GLU A 59 2.54 -17.76 22.94
C GLU A 59 1.35 -18.25 22.15
N ALA A 60 0.59 -19.19 22.70
CA ALA A 60 -0.56 -19.73 21.99
C ALA A 60 -1.58 -18.63 21.77
N TYR A 61 -1.90 -17.90 22.85
CA TYR A 61 -2.74 -16.72 22.75
C TYR A 61 -2.22 -15.80 21.64
N LYS A 62 -0.91 -15.55 21.64
CA LYS A 62 -0.34 -14.62 20.68
C LYS A 62 -0.45 -15.15 19.25
N PHE A 63 -0.27 -16.47 19.11
CA PHE A 63 -0.33 -17.13 17.81
C PHE A 63 -1.76 -17.16 17.27
N LEU A 64 -2.75 -17.18 18.17
CA LEU A 64 -4.13 -17.16 17.72
C LEU A 64 -4.49 -15.77 17.24
N ALA A 65 -3.92 -14.75 17.89
CA ALA A 65 -4.16 -13.38 17.46
C ALA A 65 -3.45 -13.13 16.15
N ILE A 66 -2.35 -13.84 15.93
CA ILE A 66 -1.58 -13.65 14.71
C ILE A 66 -2.26 -14.35 13.51
N LEU A 67 -2.84 -15.51 13.76
CA LEU A 67 -3.57 -16.19 12.70
C LEU A 67 -4.78 -15.32 12.31
N ALA A 68 -5.41 -14.68 13.30
CA ALA A 68 -6.55 -13.82 13.03
C ALA A 68 -6.24 -12.65 12.11
N LYS A 69 -5.15 -11.93 12.36
CA LYS A 69 -4.76 -10.84 11.47
C LYS A 69 -4.46 -11.34 10.07
N VAL A 70 -3.81 -12.50 10.01
CA VAL A 70 -3.41 -13.09 8.74
C VAL A 70 -4.63 -13.29 7.85
N PHE A 71 -5.64 -13.98 8.36
CA PHE A 71 -6.86 -14.22 7.58
C PHE A 71 -7.66 -12.93 7.30
N ALA A 72 -7.69 -12.01 8.26
CA ALA A 72 -8.34 -10.73 8.09
C ALA A 72 -7.73 -10.01 6.92
N GLU A 73 -6.42 -9.81 6.96
CA GLU A 73 -5.73 -9.18 5.84
C GLU A 73 -6.03 -9.83 4.48
N LEU A 74 -6.22 -11.16 4.49
CA LEU A 74 -6.47 -11.89 3.26
C LEU A 74 -7.93 -11.86 2.87
N GLY A 75 -8.78 -11.35 3.75
CA GLY A 75 -10.21 -11.39 3.54
C GLY A 75 -10.70 -12.82 3.56
N TYR A 76 -10.04 -13.63 4.39
CA TYR A 76 -10.38 -15.03 4.53
C TYR A 76 -11.28 -15.24 5.73
N ASN A 77 -12.31 -16.06 5.55
CA ASN A 77 -13.16 -16.47 6.64
C ASN A 77 -12.56 -17.62 7.42
N ASP A 78 -12.39 -17.39 8.71
CA ASP A 78 -11.96 -18.40 9.67
C ASP A 78 -13.00 -19.53 9.75
N ILE A 79 -12.93 -20.50 8.84
CA ILE A 79 -13.93 -21.57 8.76
C ILE A 79 -13.67 -22.77 9.70
N ASN A 80 -12.57 -22.74 10.47
CA ASN A 80 -12.18 -23.93 11.22
C ASN A 80 -10.99 -23.69 12.15
N ARG A 81 -11.15 -24.04 13.43
CA ARG A 81 -10.08 -23.87 14.40
C ARG A 81 -10.00 -25.05 15.33
N LYS A 82 -8.78 -25.41 15.72
CA LYS A 82 -8.59 -26.42 16.74
C LYS A 82 -7.30 -26.26 17.51
N THR A 84 -4.08 -28.70 19.53
CA THR A 84 -3.51 -29.95 19.97
C THR A 84 -2.54 -29.69 21.11
N VAL A 85 -2.83 -30.27 22.27
CA VAL A 85 -1.88 -30.23 23.38
C VAL A 85 -1.13 -31.55 23.45
N ARG A 86 0.19 -31.46 23.50
CA ARG A 86 1.02 -32.63 23.61
C ARG A 86 1.80 -32.55 24.92
N PHE A 87 1.57 -33.53 25.79
CA PHE A 87 2.33 -33.67 27.02
C PHE A 87 3.31 -34.82 26.88
N ARG A 88 4.38 -34.76 27.66
CA ARG A 88 5.36 -35.85 27.70
C ARG A 88 5.85 -36.03 29.14
N GLY A 89 5.86 -37.26 29.63
CA GLY A 89 6.23 -37.52 31.01
C GLY A 89 6.64 -38.96 31.23
N ASP A 90 7.33 -39.24 32.34
CA ASP A 90 7.73 -40.59 32.70
C ASP A 90 6.75 -41.23 33.67
N ASP A 91 6.14 -40.42 34.52
CA ASP A 91 5.17 -40.95 35.46
C ASP A 91 3.83 -41.12 34.74
N LEU A 92 3.53 -42.35 34.34
CA LEU A 92 2.29 -42.69 33.66
C LEU A 92 1.12 -42.12 34.42
N GLU A 93 1.17 -42.24 35.74
CA GLU A 93 0.06 -41.83 36.59
C GLU A 93 -0.20 -40.33 36.49
N ALA A 94 0.88 -39.55 36.39
CA ALA A 94 0.79 -38.09 36.25
C ALA A 94 0.20 -37.74 34.89
N LEU A 95 0.61 -38.49 33.88
CA LEU A 95 0.12 -38.29 32.52
C LEU A 95 -1.39 -38.52 32.45
N GLU A 96 -1.83 -39.65 33.00
CA GLU A 96 -3.25 -39.95 33.04
C GLU A 96 -4.11 -38.97 33.86
N LYS A 97 -3.54 -38.38 34.91
CA LYS A 97 -4.24 -37.30 35.63
C LYS A 97 -4.37 -36.04 34.75
N ALA A 98 -3.29 -35.66 34.08
CA ALA A 98 -3.35 -34.56 33.12
C ALA A 98 -4.44 -34.78 32.06
N LEU A 99 -4.57 -36.01 31.57
CA LEU A 99 -5.59 -36.32 30.58
C LEU A 99 -6.98 -36.15 31.15
N LYS A 100 -7.19 -36.72 32.35
CA LYS A 100 -8.51 -36.74 32.96
C LYS A 100 -9.05 -35.32 33.09
N GLU A 101 -8.19 -34.42 33.54
CA GLU A 101 -8.58 -33.05 33.81
C GLU A 101 -8.63 -32.20 32.55
N ILE A 103 -9.42 -33.08 29.57
CA ILE A 103 -10.60 -33.33 28.76
C ILE A 103 -11.91 -32.99 29.48
N ARG A 104 -11.88 -32.94 30.79
CA ARG A 104 -13.05 -32.55 31.55
C ARG A 104 -13.32 -31.08 31.25
N GLN A 105 -12.29 -30.27 31.39
CA GLN A 105 -12.36 -28.84 31.14
C GLN A 105 -12.87 -28.54 29.73
N ALA A 106 -12.37 -29.27 28.75
CA ALA A 106 -12.76 -29.01 27.36
C ALA A 106 -14.22 -29.36 27.11
N ARG A 107 -14.63 -30.53 27.61
CA ARG A 107 -16.03 -30.92 27.52
C ARG A 107 -16.92 -29.94 28.31
N LYS A 108 -16.39 -29.41 29.42
CA LYS A 108 -17.09 -28.39 30.18
C LYS A 108 -17.42 -27.17 29.33
N PHE A 109 -16.54 -26.84 28.39
CA PHE A 109 -16.80 -25.73 27.46
C PHE A 109 -17.32 -26.29 26.14
N ALA A 110 -18.08 -27.39 26.21
CA ALA A 110 -18.76 -27.97 25.03
C ALA A 110 -17.85 -28.38 23.89
N GLY A 111 -16.55 -28.44 24.14
CA GLY A 111 -15.62 -28.89 23.12
C GLY A 111 -15.61 -30.39 23.02
N THR A 112 -15.28 -30.89 21.82
CA THR A 112 -15.10 -32.30 21.56
C THR A 112 -13.61 -32.60 21.56
N VAL A 113 -13.21 -33.68 22.22
CA VAL A 113 -11.81 -34.06 22.33
C VAL A 113 -11.48 -35.37 21.66
N THR A 114 -10.24 -35.48 21.24
CA THR A 114 -9.69 -36.70 20.67
C THR A 114 -8.34 -36.89 21.37
N TYR A 115 -7.95 -38.13 21.68
CA TYR A 115 -6.65 -38.31 22.31
C TYR A 115 -5.99 -39.65 22.08
N THR A 116 -4.65 -39.64 22.16
CA THR A 116 -3.89 -40.87 22.12
C THR A 116 -2.74 -40.84 23.13
N LEU A 117 -2.61 -41.91 23.91
CA LEU A 117 -1.46 -42.08 24.81
C LEU A 117 -0.55 -43.17 24.29
N ASP A 118 0.71 -42.84 24.10
CA ASP A 118 1.64 -43.83 23.59
C ASP A 118 3.00 -43.67 24.28
N GLY A 119 3.30 -44.58 25.20
CA GLY A 119 4.58 -44.56 25.89
C GLY A 119 4.73 -43.36 26.80
N ASN A 120 5.66 -42.47 26.45
CA ASN A 120 5.85 -41.21 27.17
C ASN A 120 4.99 -40.05 26.67
N ASP A 121 4.46 -40.20 25.45
CA ASP A 121 3.82 -39.09 24.77
C ASP A 121 2.31 -39.14 24.88
N LEU A 122 1.70 -37.99 25.10
CA LEU A 122 0.25 -37.88 25.27
C LEU A 122 -0.30 -36.76 24.41
N GLU A 123 -1.26 -37.07 23.54
CA GLU A 123 -1.74 -36.08 22.60
C GLU A 123 -3.24 -35.85 22.67
N ILE A 124 -3.63 -34.58 22.84
CA ILE A 124 -5.04 -34.24 22.95
C ILE A 124 -5.44 -33.17 21.94
N THR A 125 -6.43 -33.48 21.11
CA THR A 125 -6.90 -32.56 20.10
C THR A 125 -8.28 -32.09 20.49
N ILE A 126 -8.51 -30.79 20.41
CA ILE A 126 -9.76 -30.20 20.83
C ILE A 126 -10.34 -29.43 19.66
N THR A 127 -11.61 -29.67 19.36
CA THR A 127 -12.25 -29.01 18.24
C THR A 127 -13.61 -28.39 18.60
N GLY A 128 -14.16 -27.61 17.69
CA GLY A 128 -15.54 -27.19 17.77
C GLY A 128 -15.91 -26.10 18.76
N VAL A 129 -14.90 -25.38 19.25
CA VAL A 129 -15.12 -24.28 20.17
C VAL A 129 -14.57 -22.97 19.62
N PRO A 130 -15.14 -21.85 20.06
CA PRO A 130 -14.65 -20.55 19.61
C PRO A 130 -13.28 -20.19 20.16
N ARG A 131 -12.57 -19.34 19.42
CA ARG A 131 -11.23 -18.88 19.78
C ARG A 131 -11.08 -18.58 21.27
N GLN A 132 -12.07 -17.92 21.85
CA GLN A 132 -12.04 -17.55 23.28
C GLN A 132 -11.79 -18.74 24.20
N VAL A 133 -12.35 -19.90 23.84
CA VAL A 133 -12.21 -21.09 24.67
C VAL A 133 -10.81 -21.71 24.56
N LEU A 134 -10.31 -21.80 23.33
CA LEU A 134 -8.99 -22.37 23.07
C LEU A 134 -7.96 -21.58 23.87
N GLU A 135 -8.25 -20.30 24.07
CA GLU A 135 -7.37 -19.47 24.88
C GLU A 135 -7.38 -19.94 26.33
N GLU A 136 -8.56 -20.23 26.86
CA GLU A 136 -8.67 -20.71 28.23
C GLU A 136 -8.02 -22.08 28.37
N LEU A 137 -8.36 -22.97 27.45
CA LEU A 137 -7.82 -24.31 27.51
C LEU A 137 -6.30 -24.33 27.35
N ALA A 138 -5.74 -23.30 26.73
CA ALA A 138 -4.29 -23.21 26.70
C ALA A 138 -3.80 -22.89 28.12
N LYS A 139 -4.45 -21.92 28.76
CA LYS A 139 -4.15 -21.54 30.13
C LYS A 139 -4.13 -22.79 31.00
N GLU A 140 -5.20 -23.56 30.89
CA GLU A 140 -5.37 -24.76 31.68
C GLU A 140 -4.27 -25.77 31.41
N ALA A 141 -3.95 -25.95 30.13
CA ALA A 141 -2.94 -26.92 29.71
C ALA A 141 -1.58 -26.61 30.34
N GLU A 142 -1.21 -25.35 30.30
CA GLU A 142 0.06 -24.91 30.85
C GLU A 142 0.03 -25.08 32.36
N ARG A 143 -1.11 -24.74 32.94
CA ARG A 143 -1.33 -24.95 34.35
C ARG A 143 -1.07 -26.42 34.71
N LEU A 144 -1.77 -27.34 34.03
CA LEU A 144 -1.64 -28.77 34.28
C LEU A 144 -0.22 -29.28 34.06
N ALA A 145 0.45 -28.78 33.03
CA ALA A 145 1.80 -29.24 32.75
C ALA A 145 2.70 -28.95 33.95
N LYS A 146 2.47 -27.80 34.56
CA LYS A 146 3.24 -27.38 35.72
C LYS A 146 2.87 -28.21 36.97
N GLU A 147 1.58 -28.42 37.17
CA GLU A 147 1.08 -29.20 38.31
C GLU A 147 1.60 -30.64 38.34
N PHE A 148 1.85 -31.23 37.17
CA PHE A 148 2.27 -32.62 37.12
C PHE A 148 3.69 -32.78 36.64
N ASN A 149 4.36 -31.65 36.45
CA ASN A 149 5.73 -31.63 35.95
C ASN A 149 5.91 -32.49 34.71
N ILE A 150 5.19 -32.13 33.67
CA ILE A 150 5.36 -32.77 32.39
C ILE A 150 5.60 -31.68 31.38
N THR A 151 6.44 -31.96 30.37
CA THR A 151 6.65 -30.99 29.31
C THR A 151 5.37 -30.82 28.52
N ILE A 152 5.24 -29.70 27.82
CA ILE A 152 3.99 -29.43 27.10
C ILE A 152 4.24 -28.72 25.78
N THR A 153 3.39 -29.03 24.79
CA THR A 153 3.38 -28.35 23.50
C THR A 153 1.97 -27.85 23.24
N ILE A 154 1.83 -26.70 22.58
CA ILE A 154 0.49 -26.25 22.18
C ILE A 154 0.41 -25.89 20.71
N THR A 155 -0.41 -26.61 19.97
CA THR A 155 -0.55 -26.29 18.55
C THR A 155 -1.90 -25.68 18.28
N VAL A 156 -1.89 -24.45 17.76
CA VAL A 156 -3.13 -23.83 17.30
C VAL A 156 -3.24 -23.91 15.78
N THR A 157 -4.42 -24.29 15.32
CA THR A 157 -4.60 -24.59 13.93
C THR A 157 -5.81 -23.90 13.39
N VAL A 158 -5.61 -23.14 12.33
CA VAL A 158 -6.71 -22.43 11.69
C VAL A 158 -6.78 -22.82 10.22
N GLU A 159 -7.99 -22.92 9.72
CA GLU A 159 -8.25 -23.25 8.34
C GLU A 159 -9.26 -22.21 7.81
N GLY A 160 -8.98 -21.62 6.65
CA GLY A 160 -9.87 -20.62 6.11
C GLY A 160 -9.91 -20.64 4.60
N GLN A 161 -10.89 -19.94 4.04
CA GLN A 161 -11.00 -19.77 2.59
C GLN A 161 -11.40 -18.32 2.32
N LEU A 162 -11.21 -17.87 1.09
CA LEU A 162 -11.55 -16.49 0.71
C LEU A 162 -13.02 -16.17 0.93
N GLY A 163 -13.31 -15.08 1.63
CA GLY A 163 -14.67 -14.72 1.98
C GLY A 163 -15.35 -13.78 1.00
N SER A 164 -16.50 -13.25 1.38
CA SER A 164 -17.27 -12.32 0.53
C SER A 164 -16.69 -10.93 0.55
N LEU A 165 -16.74 -10.24 -0.58
CA LEU A 165 -16.31 -8.85 -0.64
C LEU A 165 -17.02 -8.00 0.41
N GLU A 166 -18.33 -8.23 0.54
CA GLU A 166 -19.15 -7.46 1.47
C GLU A 166 -18.72 -7.67 2.93
N HIS A 167 -18.40 -8.92 3.29
CA HIS A 167 -18.04 -9.23 4.68
C HIS A 167 -16.71 -8.63 5.12
N HIS A 168 -15.72 -8.65 4.23
CA HIS A 168 -14.40 -8.06 4.50
C HIS A 168 -14.49 -6.56 4.86
N HIS A 169 -15.46 -5.87 4.28
CA HIS A 169 -15.63 -4.44 4.51
C HIS A 169 -16.20 -4.11 5.91
N ASP B 3 -6.68 9.58 10.53
CA ASP B 3 -6.75 8.62 11.63
C ASP B 3 -5.36 8.39 12.27
N ILE B 4 -4.59 7.46 11.72
CA ILE B 4 -3.24 7.18 12.19
C ILE B 4 -2.25 7.83 11.25
N GLN B 5 -1.34 8.64 11.78
CA GLN B 5 -0.35 9.32 10.95
C GLN B 5 1.10 8.97 11.26
N VAL B 6 1.84 8.62 10.21
CA VAL B 6 3.20 8.13 10.38
C VAL B 6 4.19 8.97 9.58
N GLN B 7 5.12 9.60 10.29
CA GLN B 7 6.11 10.49 9.71
C GLN B 7 7.50 9.91 9.86
N VAL B 8 8.22 9.85 8.74
CA VAL B 8 9.52 9.21 8.71
C VAL B 8 10.57 10.20 8.21
N ASN B 9 11.74 10.17 8.82
CA ASN B 9 12.89 10.94 8.34
C ASN B 9 14.03 9.95 8.20
N ILE B 10 14.51 9.77 6.99
CA ILE B 10 15.67 8.95 6.75
C ILE B 10 16.83 9.87 6.48
N ASP B 11 17.83 9.85 7.35
CA ASP B 11 19.06 10.62 7.15
C ASP B 11 20.09 9.69 6.54
N ASP B 12 20.29 9.81 5.24
CA ASP B 12 21.30 9.01 4.54
C ASP B 12 22.47 9.94 4.26
N ASN B 13 23.03 10.49 5.34
CA ASN B 13 23.78 11.75 5.35
C ASN B 13 24.56 12.23 4.12
N GLY B 14 24.52 13.55 3.95
CA GLY B 14 24.83 14.21 2.69
C GLY B 14 23.49 14.67 2.17
N LYS B 15 22.49 13.80 2.35
CA LYS B 15 21.12 14.03 1.93
C LYS B 15 20.14 13.60 3.03
N ASN B 16 18.87 13.99 2.87
CA ASN B 16 17.87 13.75 3.88
C ASN B 16 16.49 13.59 3.24
N PHE B 17 15.72 12.61 3.68
CA PHE B 17 14.45 12.32 3.03
C PHE B 17 13.26 12.21 3.99
N ASP B 18 12.23 13.02 3.76
CA ASP B 18 11.04 13.06 4.62
C ASP B 18 9.75 12.70 3.87
N TYR B 19 8.89 11.94 4.52
CA TYR B 19 7.60 11.60 3.95
C TYR B 19 6.62 11.22 5.04
N THR B 20 5.33 11.29 4.70
CA THR B 20 4.27 10.97 5.65
C THR B 20 3.21 10.12 4.99
N TYR B 21 2.63 9.20 5.76
CA TYR B 21 1.42 8.48 5.36
C TYR B 21 0.35 8.67 6.41
N THR B 22 -0.87 8.90 5.95
CA THR B 22 -2.02 8.83 6.81
C THR B 22 -2.75 7.55 6.43
N VAL B 23 -3.08 6.75 7.44
CA VAL B 23 -3.68 5.44 7.22
C VAL B 23 -4.76 5.25 8.27
N THR B 24 -5.68 4.32 8.03
CA THR B 24 -6.78 4.12 8.97
C THR B 24 -6.64 2.87 9.84
N THR B 25 -5.90 1.87 9.36
CA THR B 25 -5.76 0.64 10.12
C THR B 25 -4.33 0.31 10.50
N GLU B 26 -4.17 -0.47 11.56
CA GLU B 26 -2.89 -1.00 11.97
C GLU B 26 -2.26 -1.82 10.85
N SER B 27 -3.10 -2.48 10.06
CA SER B 27 -2.62 -3.24 8.91
C SER B 27 -1.87 -2.38 7.88
N GLU B 28 -2.43 -1.24 7.51
CA GLU B 28 -1.77 -0.37 6.55
C GLU B 28 -0.56 0.33 7.16
N LEU B 29 -0.61 0.57 8.46
CA LEU B 29 0.53 1.11 9.16
C LEU B 29 1.72 0.14 9.06
N GLN B 30 1.46 -1.14 9.32
CA GLN B 30 2.50 -2.16 9.30
C GLN B 30 3.17 -2.22 7.94
N LYS B 31 2.35 -2.21 6.90
CA LYS B 31 2.85 -2.22 5.53
C LYS B 31 3.84 -1.08 5.22
N VAL B 32 3.53 0.16 5.65
CA VAL B 32 4.47 1.29 5.56
C VAL B 32 5.81 0.97 6.24
N LEU B 33 5.72 0.55 7.49
CA LEU B 33 6.89 0.11 8.24
C LEU B 33 7.63 -1.07 7.58
N ASN B 34 6.91 -2.03 7.01
CA ASN B 34 7.58 -3.11 6.28
C ASN B 34 8.38 -2.59 5.11
N GLU B 35 7.85 -1.57 4.43
CA GLU B 35 8.61 -0.98 3.35
C GLU B 35 9.86 -0.29 3.88
N LEU B 36 9.72 0.44 4.97
CA LEU B 36 10.87 1.10 5.55
C LEU B 36 11.93 0.08 5.97
N ASP B 38 12.54 -3.08 4.82
CA ASP B 38 13.18 -3.64 3.64
C ASP B 38 14.25 -2.69 3.11
N TYR B 39 13.91 -1.41 3.03
CA TYR B 39 14.83 -0.44 2.46
C TYR B 39 16.08 -0.25 3.33
N ILE B 40 15.87 -0.13 4.63
CA ILE B 40 16.97 0.11 5.53
C ILE B 40 17.93 -1.09 5.50
N LYS B 41 17.35 -2.28 5.45
CA LYS B 41 18.10 -3.53 5.40
C LYS B 41 18.97 -3.62 4.15
N LYS B 42 18.43 -3.11 3.04
CA LYS B 42 19.10 -3.22 1.74
C LYS B 42 19.95 -2.01 1.35
N GLN B 43 19.71 -0.86 1.98
CA GLN B 43 20.33 0.41 1.56
C GLN B 43 21.02 1.16 2.70
N GLY B 44 20.56 0.91 3.93
CA GLY B 44 21.17 1.51 5.10
C GLY B 44 20.76 2.94 5.28
N ALA B 45 21.16 3.52 6.41
CA ALA B 45 20.93 4.93 6.68
C ALA B 45 21.89 5.35 7.78
N LYS B 46 22.25 6.63 7.81
CA LYS B 46 22.99 7.12 8.95
C LYS B 46 22.04 7.16 10.15
N ARG B 47 20.81 7.60 9.93
CA ARG B 47 19.89 7.83 11.03
C ARG B 47 18.43 7.77 10.59
N VAL B 48 17.55 7.32 11.48
CA VAL B 48 16.14 7.18 11.16
C VAL B 48 15.25 7.66 12.31
N ARG B 49 14.26 8.49 11.98
CA ARG B 49 13.27 8.96 12.96
C ARG B 49 11.86 8.59 12.50
N ILE B 50 11.13 7.89 13.36
CA ILE B 50 9.75 7.52 13.03
C ILE B 50 8.83 8.16 14.04
N SER B 51 7.68 8.62 13.57
CA SER B 51 6.75 9.35 14.39
C SER B 51 5.36 8.85 14.07
N ILE B 52 4.67 8.35 15.09
CA ILE B 52 3.31 7.88 14.90
C ILE B 52 2.32 8.67 15.77
N THR B 53 1.18 9.01 15.19
CA THR B 53 0.19 9.83 15.87
C THR B 53 -1.09 9.05 16.15
N ALA B 54 -1.37 8.84 17.43
CA ALA B 54 -2.50 8.05 17.90
C ALA B 54 -3.68 8.92 18.33
N ARG B 55 -4.84 8.29 18.55
CA ARG B 55 -6.00 9.00 19.07
C ARG B 55 -6.27 8.64 20.54
N SER B 56 -5.55 7.64 21.05
CA SER B 56 -5.80 7.10 22.39
C SER B 56 -4.52 6.62 23.07
N SER B 57 -4.58 6.40 24.39
CA SER B 57 -3.37 5.94 25.09
C SER B 57 -3.11 4.46 24.85
N LYS B 58 -4.15 3.71 24.53
CA LYS B 58 -3.95 2.31 24.19
C LYS B 58 -3.35 2.18 22.80
N GLU B 59 -3.68 3.13 21.92
CA GLU B 59 -3.01 3.18 20.62
C GLU B 59 -1.54 3.59 20.81
N ALA B 60 -1.29 4.51 21.72
CA ALA B 60 0.06 5.03 21.91
C ALA B 60 0.96 3.95 22.47
N TYR B 61 0.49 3.27 23.50
CA TYR B 61 1.16 2.12 24.09
C TYR B 61 1.54 1.12 22.99
N LYS B 62 0.57 0.84 22.12
CA LYS B 62 0.75 -0.10 21.03
C LYS B 62 1.79 0.37 20.01
N PHE B 63 1.76 1.67 19.69
CA PHE B 63 2.66 2.26 18.70
C PHE B 63 4.10 2.30 19.21
N LEU B 64 4.27 2.44 20.52
CA LEU B 64 5.59 2.37 21.13
C LEU B 64 6.16 0.95 21.04
N ALA B 65 5.30 -0.06 21.17
CA ALA B 65 5.74 -1.44 21.06
C ALA B 65 6.16 -1.74 19.63
N ILE B 66 5.42 -1.16 18.68
CA ILE B 66 5.68 -1.39 17.27
C ILE B 66 7.01 -0.80 16.84
N LEU B 67 7.29 0.45 17.25
CA LEU B 67 8.58 1.08 16.97
C LEU B 67 9.71 0.23 17.54
N ALA B 68 9.57 -0.18 18.79
CA ALA B 68 10.53 -1.08 19.42
C ALA B 68 10.83 -2.33 18.57
N LYS B 69 9.81 -2.93 17.96
CA LYS B 69 10.07 -4.09 17.09
C LYS B 69 10.78 -3.70 15.82
N VAL B 70 10.35 -2.60 15.23
CA VAL B 70 10.99 -2.09 14.03
C VAL B 70 12.48 -1.92 14.27
N PHE B 71 12.87 -1.22 15.32
CA PHE B 71 14.30 -1.01 15.58
C PHE B 71 15.04 -2.29 15.99
N ALA B 72 14.38 -3.14 16.76
CA ALA B 72 14.91 -4.47 17.04
C ALA B 72 15.17 -5.23 15.75
N GLU B 73 14.16 -5.35 14.92
CA GLU B 73 14.34 -6.03 13.64
C GLU B 73 15.53 -5.48 12.87
N LEU B 74 15.66 -4.15 12.87
CA LEU B 74 16.69 -3.49 12.09
C LEU B 74 18.07 -3.56 12.74
N GLY B 75 18.11 -3.98 14.01
CA GLY B 75 19.34 -3.99 14.77
C GLY B 75 19.78 -2.58 15.11
N TYR B 76 18.80 -1.72 15.33
CA TYR B 76 19.02 -0.32 15.60
C TYR B 76 18.95 -0.03 17.10
N ASN B 77 19.83 0.85 17.55
CA ASN B 77 19.77 1.34 18.92
C ASN B 77 18.92 2.59 19.03
N ASP B 78 17.83 2.43 19.77
CA ASP B 78 16.99 3.53 20.24
C ASP B 78 17.80 4.65 20.91
N ILE B 79 18.31 5.60 20.13
CA ILE B 79 19.08 6.71 20.70
C ILE B 79 18.24 7.86 21.29
N ASN B 80 17.00 8.05 20.83
CA ASN B 80 16.15 9.11 21.36
C ASN B 80 14.66 8.79 21.29
N ARG B 81 13.91 9.18 22.33
CA ARG B 81 12.47 8.93 22.40
C ARG B 81 11.76 10.14 23.00
N LYS B 82 10.57 10.44 22.50
CA LYS B 82 9.83 11.59 22.99
C LYS B 82 8.34 11.48 22.66
N THR B 84 4.55 13.84 22.14
CA THR B 84 3.86 15.10 21.96
C THR B 84 2.36 14.89 22.11
N VAL B 85 1.80 15.52 23.12
CA VAL B 85 0.36 15.51 23.37
C VAL B 85 -0.18 16.81 22.83
N ARG B 86 -1.28 16.73 22.10
CA ARG B 86 -1.94 17.92 21.63
C ARG B 86 -3.38 17.89 22.11
N PHE B 87 -3.78 18.93 22.84
CA PHE B 87 -5.15 19.10 23.30
C PHE B 87 -5.80 20.23 22.51
N ARG B 88 -7.11 20.17 22.36
CA ARG B 88 -7.86 21.23 21.70
C ARG B 88 -9.22 21.49 22.37
N GLY B 89 -9.44 22.73 22.82
CA GLY B 89 -10.68 23.09 23.50
C GLY B 89 -11.06 24.57 23.48
N ASP B 90 -12.29 24.88 23.88
CA ASP B 90 -12.78 26.26 23.88
C ASP B 90 -12.61 26.89 25.24
N ASP B 91 -12.98 26.13 26.26
CA ASP B 91 -12.71 26.56 27.63
C ASP B 91 -11.20 26.65 27.83
N LEU B 92 -10.67 27.86 27.64
CA LEU B 92 -9.27 28.17 27.87
C LEU B 92 -8.83 27.80 29.28
N GLU B 93 -9.73 27.87 30.25
CA GLU B 93 -9.40 27.55 31.63
C GLU B 93 -9.20 26.03 31.79
N ALA B 94 -9.96 25.26 31.00
CA ALA B 94 -9.85 23.80 31.01
C ALA B 94 -8.50 23.39 30.43
N LEU B 95 -8.15 24.01 29.31
CA LEU B 95 -6.86 23.81 28.66
C LEU B 95 -5.69 24.11 29.60
N GLU B 96 -5.75 25.23 30.28
CA GLU B 96 -4.64 25.58 31.15
C GLU B 96 -4.58 24.72 32.41
N LYS B 97 -5.72 24.24 32.85
CA LYS B 97 -5.74 23.24 33.91
C LYS B 97 -5.17 21.92 33.40
N ALA B 98 -5.62 21.48 32.23
CA ALA B 98 -5.04 20.30 31.58
C ALA B 98 -3.52 20.42 31.49
N LEU B 99 -3.05 21.56 30.99
CA LEU B 99 -1.62 21.84 30.90
C LEU B 99 -0.95 21.73 32.25
N LYS B 100 -1.52 22.42 33.23
CA LYS B 100 -0.92 22.54 34.55
C LYS B 100 -0.60 21.16 35.15
N GLU B 101 -1.56 20.25 34.99
CA GLU B 101 -1.43 18.92 35.58
C GLU B 101 -0.52 18.01 34.78
N ILE B 103 2.05 18.76 32.93
CA ILE B 103 3.48 19.03 33.15
C ILE B 103 3.90 18.81 34.59
N ARG B 104 2.96 18.74 35.51
CA ARG B 104 3.30 18.36 36.88
C ARG B 104 3.63 16.87 36.90
N GLN B 105 2.68 16.07 36.43
CA GLN B 105 2.87 14.64 36.24
C GLN B 105 4.18 14.36 35.54
N ALA B 106 4.43 15.07 34.45
CA ALA B 106 5.62 14.83 33.64
C ALA B 106 6.89 15.06 34.45
N ARG B 107 7.02 16.26 34.99
CA ARG B 107 8.23 16.63 35.74
C ARG B 107 8.44 15.74 36.97
N LYS B 108 7.34 15.30 37.59
CA LYS B 108 7.35 14.31 38.67
C LYS B 108 8.24 13.12 38.33
N PHE B 109 7.97 12.50 37.17
CA PHE B 109 8.77 11.36 36.71
C PHE B 109 10.05 11.78 36.01
N ALA B 110 10.58 12.94 36.39
CA ALA B 110 11.86 13.47 35.88
C ALA B 110 11.88 13.90 34.41
N GLY B 111 10.71 14.05 33.81
CA GLY B 111 10.63 14.49 32.43
C GLY B 111 10.81 15.98 32.21
N THR B 112 11.38 16.32 31.06
CA THR B 112 11.50 17.72 30.65
C THR B 112 10.36 18.08 29.68
N VAL B 113 9.68 19.19 29.94
CA VAL B 113 8.58 19.60 29.06
C VAL B 113 8.85 20.87 28.26
N THR B 114 8.05 20.99 27.23
CA THR B 114 8.08 22.10 26.32
C THR B 114 6.61 22.26 25.94
N TYR B 115 6.14 23.49 25.84
CA TYR B 115 4.75 23.68 25.42
C TYR B 115 4.48 25.00 24.77
N THR B 116 3.41 25.01 23.99
CA THR B 116 2.90 26.22 23.36
C THR B 116 1.38 26.21 23.38
N LEU B 117 0.79 27.36 23.69
CA LEU B 117 -0.66 27.52 23.58
C LEU B 117 -0.96 28.58 22.55
N ASP B 118 -1.82 28.24 21.60
CA ASP B 118 -2.14 29.16 20.51
C ASP B 118 -3.59 28.96 20.16
N GLY B 119 -4.44 29.92 20.51
CA GLY B 119 -5.85 29.82 20.21
C GLY B 119 -6.53 28.62 20.86
N ASN B 120 -7.00 27.69 20.03
CA ASN B 120 -7.65 26.49 20.54
C ASN B 120 -6.69 25.35 20.83
N ASP B 121 -5.45 25.49 20.41
CA ASP B 121 -4.51 24.37 20.35
C ASP B 121 -3.45 24.39 21.44
N LEU B 122 -3.30 23.28 22.14
CA LEU B 122 -2.29 23.17 23.19
C LEU B 122 -1.35 22.04 22.81
N GLU B 123 -0.05 22.29 22.83
CA GLU B 123 0.91 21.28 22.43
C GLU B 123 2.01 21.09 23.47
N ILE B 124 2.19 19.86 23.93
CA ILE B 124 3.15 19.59 25.01
C ILE B 124 4.10 18.47 24.63
N THR B 125 5.40 18.75 24.74
CA THR B 125 6.41 17.81 24.31
C THR B 125 7.24 17.36 25.50
N ILE B 126 7.25 16.05 25.72
CA ILE B 126 7.93 15.46 26.87
C ILE B 126 9.14 14.66 26.44
N THR B 127 10.27 14.88 27.08
CA THR B 127 11.50 14.19 26.67
C THR B 127 12.31 13.66 27.85
N GLY B 128 13.38 12.95 27.54
CA GLY B 128 14.35 12.53 28.54
C GLY B 128 13.88 11.46 29.50
N VAL B 129 12.87 10.69 29.11
CA VAL B 129 12.40 9.57 29.93
C VAL B 129 12.29 8.27 29.15
N PRO B 130 12.48 7.13 29.85
CA PRO B 130 12.28 5.79 29.29
C PRO B 130 10.83 5.44 28.95
N ARG B 131 10.70 4.55 27.97
CA ARG B 131 9.43 4.13 27.40
C ARG B 131 8.28 3.87 28.39
N GLN B 132 8.60 3.26 29.53
CA GLN B 132 7.57 2.97 30.54
C GLN B 132 6.91 4.26 31.06
N VAL B 133 7.73 5.28 31.27
CA VAL B 133 7.22 6.56 31.74
C VAL B 133 6.24 7.15 30.73
N LEU B 134 6.66 7.20 29.47
CA LEU B 134 5.82 7.71 28.38
C LEU B 134 4.47 7.03 28.35
N GLU B 135 4.45 5.72 28.58
CA GLU B 135 3.19 4.99 28.59
C GLU B 135 2.28 5.51 29.71
N GLU B 136 2.85 5.79 30.88
CA GLU B 136 2.08 6.34 32.00
C GLU B 136 1.45 7.68 31.63
N LEU B 137 2.29 8.63 31.24
CA LEU B 137 1.87 9.97 30.86
C LEU B 137 0.80 9.92 29.79
N ALA B 138 0.89 8.93 28.91
CA ALA B 138 -0.09 8.78 27.85
C ALA B 138 -1.49 8.52 28.42
N LYS B 139 -1.57 7.69 29.46
CA LYS B 139 -2.83 7.40 30.12
C LYS B 139 -3.33 8.62 30.90
N GLU B 140 -2.39 9.28 31.57
CA GLU B 140 -2.68 10.54 32.23
C GLU B 140 -3.27 11.56 31.25
N ALA B 141 -2.76 11.55 30.02
CA ALA B 141 -3.18 12.51 29.00
C ALA B 141 -4.61 12.23 28.57
N GLU B 142 -4.92 10.95 28.38
CA GLU B 142 -6.25 10.55 27.97
C GLU B 142 -7.19 10.86 29.10
N ARG B 143 -6.69 10.69 30.33
CA ARG B 143 -7.47 10.95 31.51
C ARG B 143 -7.88 12.43 31.58
N LEU B 144 -6.86 13.30 31.53
CA LEU B 144 -7.05 14.75 31.55
C LEU B 144 -7.96 15.20 30.42
N ALA B 145 -7.89 14.52 29.29
CA ALA B 145 -8.71 14.88 28.14
C ALA B 145 -10.18 14.68 28.43
N LYS B 146 -10.53 13.53 29.00
CA LYS B 146 -11.91 13.23 29.33
C LYS B 146 -12.40 14.12 30.47
N GLU B 147 -11.61 14.16 31.54
CA GLU B 147 -11.87 15.01 32.70
C GLU B 147 -12.30 16.43 32.31
N PHE B 148 -11.65 17.00 31.30
CA PHE B 148 -11.90 18.39 30.95
C PHE B 148 -12.63 18.56 29.63
N ASN B 149 -13.08 17.45 29.06
CA ASN B 149 -13.81 17.50 27.80
C ASN B 149 -13.04 18.26 26.71
N ILE B 150 -11.84 17.76 26.39
CA ILE B 150 -11.03 18.32 25.31
C ILE B 150 -10.54 17.20 24.41
N THR B 151 -10.38 17.50 23.12
CA THR B 151 -9.84 16.49 22.18
C THR B 151 -8.34 16.25 22.40
N ILE B 152 -7.85 15.08 21.98
CA ILE B 152 -6.47 14.69 22.28
C ILE B 152 -5.80 13.87 21.19
N THR B 153 -4.54 14.20 20.91
CA THR B 153 -3.73 13.42 19.98
C THR B 153 -2.47 13.03 20.74
N ILE B 154 -1.86 11.92 20.36
CA ILE B 154 -0.60 11.53 21.02
C ILE B 154 0.39 11.02 20.00
N THR B 155 1.52 11.70 19.92
CA THR B 155 2.54 11.31 18.96
C THR B 155 3.75 10.73 19.67
N VAL B 156 4.13 9.53 19.29
CA VAL B 156 5.35 8.95 19.82
C VAL B 156 6.44 8.96 18.77
N THR B 157 7.63 9.35 19.22
CA THR B 157 8.72 9.61 18.31
C THR B 157 9.95 8.89 18.81
N VAL B 158 10.50 8.06 17.95
CA VAL B 158 11.69 7.30 18.25
C VAL B 158 12.69 7.61 17.16
N GLU B 159 13.96 7.73 17.54
CA GLU B 159 15.03 8.03 16.62
C GLU B 159 16.18 7.09 16.94
N GLY B 160 16.68 6.37 15.95
CA GLY B 160 17.72 5.42 16.20
C GLY B 160 18.72 5.36 15.08
N GLN B 161 19.81 4.63 15.32
CA GLN B 161 20.80 4.37 14.29
C GLN B 161 21.25 2.91 14.40
N LEU B 162 21.91 2.42 13.36
CA LEU B 162 22.39 1.03 13.35
C LEU B 162 23.45 0.81 14.42
N GLY B 163 23.22 -0.18 15.29
CA GLY B 163 24.12 -0.48 16.40
C GLY B 163 25.10 -1.62 16.16
N SER B 164 25.78 -2.04 17.22
CA SER B 164 26.82 -3.09 17.15
C SER B 164 26.25 -4.43 16.78
N LEU B 165 27.03 -5.22 16.07
CA LEU B 165 26.68 -6.60 15.83
C LEU B 165 26.51 -7.29 17.19
N GLU B 166 27.44 -7.00 18.09
CA GLU B 166 27.48 -7.60 19.42
C GLU B 166 26.24 -7.29 20.30
N HIS B 167 25.70 -6.07 20.21
CA HIS B 167 24.46 -5.75 20.94
C HIS B 167 23.21 -6.46 20.40
N HIS B 168 23.10 -6.56 19.08
CA HIS B 168 21.94 -7.18 18.44
C HIS B 168 21.71 -8.65 18.86
N HIS B 169 22.78 -9.41 18.96
CA HIS B 169 22.69 -10.84 19.29
C HIS B 169 22.14 -11.11 20.71
N ASP C 3 0.97 37.46 -13.83
CA ASP C 3 2.10 37.02 -14.65
C ASP C 3 2.36 35.51 -14.54
N ILE C 4 2.55 35.04 -13.31
CA ILE C 4 2.74 33.61 -13.07
C ILE C 4 1.60 33.09 -12.22
N GLN C 5 0.79 32.21 -12.80
CA GLN C 5 -0.29 31.59 -12.03
C GLN C 5 0.02 30.13 -11.66
N VAL C 6 -0.17 29.81 -10.39
CA VAL C 6 0.09 28.46 -9.92
C VAL C 6 -1.10 27.90 -9.14
N GLN C 7 -1.70 26.84 -9.68
CA GLN C 7 -2.85 26.19 -9.04
C GLN C 7 -2.46 24.83 -8.48
N VAL C 8 -2.94 24.53 -7.29
CA VAL C 8 -2.59 23.28 -6.64
C VAL C 8 -3.84 22.53 -6.19
N ASN C 9 -3.92 21.25 -6.53
CA ASN C 9 -4.93 20.40 -5.96
C ASN C 9 -4.27 19.36 -5.08
N ILE C 10 -4.65 19.36 -3.81
CA ILE C 10 -4.15 18.36 -2.90
C ILE C 10 -5.30 17.44 -2.58
N ASP C 11 -5.17 16.18 -2.99
CA ASP C 11 -6.16 15.16 -2.73
C ASP C 11 -5.68 14.34 -1.54
N ASP C 12 -6.39 14.45 -0.42
CA ASP C 12 -5.98 13.76 0.80
C ASP C 12 -7.02 12.75 1.25
N ASN C 13 -7.46 11.89 0.31
CA ASN C 13 -8.38 10.79 0.62
C ASN C 13 -9.70 11.21 1.23
N GLY C 14 -10.76 11.19 0.42
CA GLY C 14 -12.10 11.49 0.90
C GLY C 14 -12.29 12.97 1.22
N LYS C 15 -11.18 13.70 1.09
CA LYS C 15 -11.14 15.15 1.24
C LYS C 15 -10.17 15.69 0.19
N ASN C 16 -10.37 16.95 -0.21
CA ASN C 16 -9.69 17.48 -1.37
C ASN C 16 -9.50 18.99 -1.22
N PHE C 17 -8.31 19.50 -1.53
CA PHE C 17 -8.02 20.93 -1.32
C PHE C 17 -7.45 21.68 -2.55
N ASP C 18 -8.08 22.80 -2.92
CA ASP C 18 -7.67 23.59 -4.09
C ASP C 18 -7.39 25.04 -3.74
N TYR C 19 -6.30 25.56 -4.28
CA TYR C 19 -5.99 26.95 -4.12
C TYR C 19 -5.09 27.38 -5.25
N THR C 20 -4.93 28.68 -5.39
CA THR C 20 -4.17 29.24 -6.48
C THR C 20 -3.44 30.48 -5.97
N TYR C 21 -2.22 30.68 -6.45
CA TYR C 21 -1.54 31.94 -6.23
C TYR C 21 -1.21 32.57 -7.56
N THR C 22 -1.40 33.88 -7.65
CA THR C 22 -0.78 34.63 -8.73
C THR C 22 0.43 35.35 -8.16
N VAL C 23 1.57 35.19 -8.83
CA VAL C 23 2.82 35.82 -8.41
C VAL C 23 3.53 36.45 -9.61
N THR C 24 4.57 37.23 -9.35
CA THR C 24 5.24 37.96 -10.41
C THR C 24 6.70 37.59 -10.62
N THR C 25 7.27 36.81 -9.70
CA THR C 25 8.68 36.44 -9.82
C THR C 25 8.93 34.95 -9.60
N GLU C 26 10.01 34.45 -10.18
CA GLU C 26 10.45 33.10 -9.94
C GLU C 26 10.61 32.87 -8.45
N SER C 27 11.04 33.90 -7.73
CA SER C 27 11.23 33.79 -6.29
C SER C 27 9.94 33.69 -5.46
N GLU C 28 8.84 34.28 -5.92
CA GLU C 28 7.59 34.16 -5.17
C GLU C 28 6.91 32.82 -5.45
N LEU C 29 7.09 32.34 -6.67
CA LEU C 29 6.61 31.04 -7.07
C LEU C 29 7.32 29.97 -6.24
N GLN C 30 8.64 30.10 -6.10
CA GLN C 30 9.41 29.14 -5.36
C GLN C 30 8.95 29.08 -3.90
N LYS C 31 8.61 30.24 -3.33
CA LYS C 31 8.14 30.25 -1.95
C LYS C 31 6.82 29.48 -1.76
N VAL C 32 5.91 29.57 -2.73
CA VAL C 32 4.68 28.80 -2.74
C VAL C 32 4.98 27.30 -2.74
N LEU C 33 5.86 26.89 -3.63
CA LEU C 33 6.28 25.50 -3.71
C LEU C 33 7.01 25.00 -2.44
N ASN C 34 7.77 25.88 -1.78
CA ASN C 34 8.37 25.48 -0.50
C ASN C 34 7.31 25.23 0.55
N GLU C 35 6.27 26.05 0.55
CA GLU C 35 5.18 25.86 1.51
C GLU C 35 4.56 24.49 1.24
N LEU C 36 4.46 24.14 -0.03
CA LEU C 36 3.79 22.93 -0.42
C LEU C 36 4.66 21.73 -0.11
N ASP C 38 7.02 21.55 2.25
CA ASP C 38 7.01 21.38 3.70
C ASP C 38 5.76 20.69 4.18
N TYR C 39 4.62 21.08 3.61
CA TYR C 39 3.37 20.53 4.10
C TYR C 39 3.31 19.06 3.71
N ILE C 40 3.61 18.78 2.45
CA ILE C 40 3.55 17.43 1.96
C ILE C 40 4.47 16.49 2.77
N LYS C 41 5.68 16.95 3.10
CA LYS C 41 6.65 16.16 3.86
C LYS C 41 6.14 15.80 5.25
N LYS C 42 5.35 16.70 5.84
CA LYS C 42 4.87 16.49 7.22
C LYS C 42 3.46 15.94 7.32
N GLN C 43 2.69 16.03 6.24
CA GLN C 43 1.27 15.64 6.29
C GLN C 43 0.87 14.67 5.17
N GLY C 44 1.72 14.50 4.17
CA GLY C 44 1.46 13.59 3.08
C GLY C 44 0.24 13.98 2.27
N ALA C 45 -0.09 13.19 1.28
CA ALA C 45 -1.31 13.39 0.51
C ALA C 45 -1.52 12.12 -0.29
N LYS C 46 -2.74 11.88 -0.77
CA LYS C 46 -2.96 10.75 -1.65
C LYS C 46 -2.44 11.07 -3.07
N ARG C 47 -2.52 12.34 -3.46
CA ARG C 47 -2.16 12.75 -4.81
C ARG C 47 -1.96 14.28 -4.85
N VAL C 48 -1.14 14.77 -5.77
CA VAL C 48 -0.91 16.20 -5.84
C VAL C 48 -0.80 16.63 -7.29
N ARG C 49 -1.51 17.70 -7.64
CA ARG C 49 -1.47 18.26 -8.98
C ARG C 49 -1.02 19.73 -8.92
N ILE C 50 -0.07 20.11 -9.77
CA ILE C 50 0.40 21.48 -9.80
C ILE C 50 0.32 21.95 -11.24
N SER C 51 -0.28 23.14 -11.42
CA SER C 51 -0.35 23.79 -12.71
C SER C 51 0.39 25.12 -12.62
N ILE C 52 1.26 25.37 -13.59
CA ILE C 52 1.92 26.65 -13.64
C ILE C 52 1.71 27.26 -15.03
N THR C 53 1.31 28.52 -15.06
CA THR C 53 0.99 29.21 -16.32
C THR C 53 2.03 30.25 -16.71
N ALA C 54 2.68 29.98 -17.84
CA ALA C 54 3.78 30.79 -18.32
C ALA C 54 3.33 31.76 -19.40
N ARG C 55 4.19 32.72 -19.75
CA ARG C 55 3.90 33.61 -20.86
C ARG C 55 4.69 33.21 -22.11
N SER C 56 5.69 32.35 -21.93
CA SER C 56 6.61 31.95 -23.02
C SER C 56 7.15 30.52 -22.93
N SER C 57 7.83 30.09 -23.99
CA SER C 57 8.37 28.75 -24.03
C SER C 57 9.56 28.55 -23.08
N LYS C 58 10.41 29.56 -22.95
CA LYS C 58 11.54 29.46 -22.02
C LYS C 58 11.00 29.26 -20.61
N GLU C 59 9.94 29.98 -20.29
CA GLU C 59 9.29 29.84 -18.98
C GLU C 59 8.62 28.47 -18.82
N ALA C 60 8.02 27.96 -19.88
CA ALA C 60 7.41 26.65 -19.82
C ALA C 60 8.50 25.62 -19.55
N TYR C 61 9.64 25.80 -20.21
CA TYR C 61 10.80 24.95 -19.97
C TYR C 61 11.19 25.02 -18.50
N LYS C 62 11.46 26.23 -18.01
CA LYS C 62 11.87 26.44 -16.64
C LYS C 62 10.87 25.84 -15.65
N PHE C 63 9.58 26.01 -15.94
CA PHE C 63 8.53 25.55 -15.06
C PHE C 63 8.42 24.01 -15.05
N LEU C 64 8.62 23.39 -16.20
CA LEU C 64 8.62 21.93 -16.25
C LEU C 64 9.77 21.36 -15.43
N ALA C 65 10.90 22.07 -15.43
CA ALA C 65 12.06 21.62 -14.67
C ALA C 65 11.88 21.86 -13.18
N ILE C 66 11.24 22.97 -12.84
CA ILE C 66 10.97 23.26 -11.44
C ILE C 66 10.00 22.23 -10.85
N LEU C 67 8.97 21.89 -11.61
CA LEU C 67 8.02 20.86 -11.20
C LEU C 67 8.73 19.53 -10.94
N ALA C 68 9.66 19.18 -11.82
CA ALA C 68 10.42 17.95 -11.65
C ALA C 68 11.22 17.95 -10.35
N LYS C 69 11.81 19.09 -9.98
CA LYS C 69 12.57 19.13 -8.72
C LYS C 69 11.65 18.98 -7.52
N VAL C 70 10.45 19.51 -7.66
CA VAL C 70 9.47 19.42 -6.60
C VAL C 70 9.13 17.97 -6.34
N PHE C 71 8.75 17.24 -7.38
CA PHE C 71 8.35 15.85 -7.17
C PHE C 71 9.56 14.98 -6.75
N ALA C 72 10.72 15.25 -7.35
CA ALA C 72 11.98 14.66 -6.90
C ALA C 72 12.16 14.81 -5.40
N GLU C 73 12.15 16.04 -4.92
CA GLU C 73 12.38 16.30 -3.51
C GLU C 73 11.40 15.55 -2.62
N LEU C 74 10.17 15.41 -3.13
CA LEU C 74 9.09 14.81 -2.37
C LEU C 74 9.11 13.30 -2.44
N GLY C 75 9.93 12.77 -3.36
CA GLY C 75 9.97 11.34 -3.60
C GLY C 75 8.71 10.89 -4.32
N TYR C 76 8.22 11.75 -5.20
CA TYR C 76 6.96 11.55 -5.87
C TYR C 76 7.20 11.12 -7.31
N ASN C 77 6.40 10.16 -7.77
CA ASN C 77 6.41 9.77 -9.16
C ASN C 77 5.53 10.69 -9.98
N ASP C 78 6.13 11.30 -11.00
CA ASP C 78 5.38 11.92 -12.07
C ASP C 78 4.53 10.84 -12.75
N ILE C 79 3.26 10.72 -12.35
CA ILE C 79 2.40 9.72 -12.92
C ILE C 79 1.74 10.27 -14.17
N ASN C 80 1.83 11.58 -14.38
CA ASN C 80 0.98 12.23 -15.35
C ASN C 80 1.40 13.65 -15.67
N ARG C 81 1.32 14.03 -16.94
CA ARG C 81 1.69 15.37 -17.36
C ARG C 81 0.96 15.81 -18.62
N LYS C 82 0.66 17.10 -18.71
CA LYS C 82 -0.03 17.65 -19.87
C LYS C 82 0.24 19.15 -19.98
N THR C 84 -1.43 22.94 -21.58
CA THR C 84 -2.48 23.69 -22.21
C THR C 84 -1.99 25.03 -22.79
N VAL C 85 -2.25 25.20 -24.07
CA VAL C 85 -1.92 26.42 -24.79
C VAL C 85 -3.19 27.24 -25.03
N ARG C 86 -3.14 28.51 -24.68
CA ARG C 86 -4.25 29.39 -24.91
C ARG C 86 -3.85 30.54 -25.85
N PHE C 87 -4.48 30.58 -27.02
CA PHE C 87 -4.31 31.65 -28.01
C PHE C 87 -5.49 32.62 -27.98
N ARG C 88 -5.20 33.91 -28.16
CA ARG C 88 -6.24 34.94 -28.15
C ARG C 88 -6.00 35.95 -29.28
N GLY C 89 -6.96 36.07 -30.20
CA GLY C 89 -6.82 36.96 -31.34
C GLY C 89 -8.13 37.36 -32.02
N ASP C 90 -8.09 38.43 -32.82
CA ASP C 90 -9.27 38.91 -33.55
C ASP C 90 -9.43 38.20 -34.88
N ASP C 91 -8.33 38.07 -35.61
CA ASP C 91 -8.34 37.40 -36.90
C ASP C 91 -8.64 35.92 -36.68
N LEU C 92 -9.88 35.54 -36.97
CA LEU C 92 -10.33 34.16 -36.81
C LEU C 92 -9.55 33.18 -37.67
N GLU C 93 -9.21 33.60 -38.89
CA GLU C 93 -8.52 32.71 -39.82
C GLU C 93 -7.10 32.43 -39.32
N ALA C 94 -6.51 33.42 -38.66
CA ALA C 94 -5.18 33.31 -38.07
C ALA C 94 -5.16 32.25 -36.97
N LEU C 95 -6.17 32.33 -36.10
CA LEU C 95 -6.38 31.40 -35.01
C LEU C 95 -6.51 29.96 -35.50
N GLU C 96 -7.32 29.77 -36.53
CA GLU C 96 -7.58 28.42 -37.02
C GLU C 96 -6.39 27.83 -37.76
N LYS C 97 -5.58 28.71 -38.33
CA LYS C 97 -4.30 28.27 -38.91
C LYS C 97 -3.35 27.87 -37.77
N ALA C 98 -3.22 28.74 -36.77
CA ALA C 98 -2.48 28.42 -35.56
C ALA C 98 -2.96 27.09 -34.98
N LEU C 99 -4.26 26.89 -34.90
CA LEU C 99 -4.82 25.66 -34.40
C LEU C 99 -4.41 24.47 -35.26
N LYS C 100 -4.48 24.63 -36.58
CA LYS C 100 -4.21 23.52 -37.49
C LYS C 100 -2.79 23.01 -37.31
N GLU C 101 -1.83 23.93 -37.26
CA GLU C 101 -0.41 23.60 -37.22
C GLU C 101 -0.02 23.04 -35.87
N ILE C 103 -1.93 21.31 -33.66
CA ILE C 103 -2.36 19.92 -33.52
C ILE C 103 -1.67 18.97 -34.51
N ARG C 104 -1.17 19.49 -35.63
CA ARG C 104 -0.42 18.62 -36.52
C ARG C 104 0.90 18.22 -35.85
N GLN C 105 1.59 19.23 -35.29
CA GLN C 105 2.83 19.02 -34.56
C GLN C 105 2.66 18.12 -33.34
N ALA C 106 1.55 18.26 -32.64
CA ALA C 106 1.31 17.46 -31.45
C ALA C 106 1.16 16.02 -31.85
N ARG C 107 0.27 15.75 -32.80
CA ARG C 107 0.06 14.39 -33.28
C ARG C 107 1.30 13.81 -33.95
N LYS C 108 2.09 14.70 -34.58
CA LYS C 108 3.37 14.34 -35.20
C LYS C 108 4.19 13.51 -34.23
N PHE C 109 4.33 14.01 -33.02
CA PHE C 109 5.09 13.34 -31.96
C PHE C 109 4.22 12.49 -31.04
N ALA C 110 3.12 11.98 -31.59
CA ALA C 110 2.27 10.97 -30.94
C ALA C 110 1.41 11.50 -29.80
N GLY C 111 1.19 12.80 -29.77
CA GLY C 111 0.37 13.39 -28.73
C GLY C 111 -1.10 13.28 -29.06
N THR C 112 -1.93 13.23 -28.03
CA THR C 112 -3.38 13.32 -28.18
C THR C 112 -3.83 14.71 -27.74
N VAL C 113 -4.68 15.34 -28.56
CA VAL C 113 -5.11 16.73 -28.35
C VAL C 113 -6.59 16.89 -28.08
N THR C 114 -6.92 18.00 -27.44
CA THR C 114 -8.27 18.41 -27.15
C THR C 114 -8.26 19.92 -27.39
N TYR C 115 -9.35 20.46 -27.92
CA TYR C 115 -9.41 21.89 -28.16
C TYR C 115 -10.81 22.43 -28.22
N THR C 116 -10.94 23.70 -27.85
CA THR C 116 -12.18 24.42 -28.03
C THR C 116 -11.89 25.81 -28.55
N LEU C 117 -12.72 26.29 -29.46
CA LEU C 117 -12.63 27.67 -29.94
C LEU C 117 -13.89 28.41 -29.59
N ASP C 118 -13.73 29.53 -28.91
CA ASP C 118 -14.87 30.29 -28.43
C ASP C 118 -14.52 31.75 -28.56
N GLY C 119 -15.16 32.41 -29.51
CA GLY C 119 -14.91 33.82 -29.76
C GLY C 119 -13.47 34.10 -30.12
N ASN C 120 -12.84 34.99 -29.36
CA ASN C 120 -11.43 35.31 -29.60
C ASN C 120 -10.45 34.35 -28.94
N ASP C 121 -10.96 33.39 -28.18
CA ASP C 121 -10.10 32.52 -27.38
C ASP C 121 -9.97 31.12 -27.98
N LEU C 122 -8.78 30.56 -27.91
CA LEU C 122 -8.51 29.21 -28.42
C LEU C 122 -7.70 28.40 -27.39
N GLU C 123 -8.24 27.26 -26.98
CA GLU C 123 -7.61 26.45 -25.95
C GLU C 123 -7.19 25.07 -26.47
N ILE C 124 -5.91 24.74 -26.36
CA ILE C 124 -5.44 23.43 -26.80
C ILE C 124 -4.63 22.70 -25.72
N THR C 125 -5.06 21.49 -25.41
CA THR C 125 -4.48 20.68 -24.37
C THR C 125 -3.80 19.45 -24.97
N ILE C 126 -2.52 19.29 -24.71
CA ILE C 126 -1.81 18.14 -25.23
C ILE C 126 -1.43 17.19 -24.11
N THR C 127 -1.64 15.89 -24.32
CA THR C 127 -1.40 14.89 -23.29
C THR C 127 -0.61 13.67 -23.80
N GLY C 128 -0.32 12.74 -22.90
CA GLY C 128 0.32 11.49 -23.25
C GLY C 128 1.67 11.56 -23.97
N VAL C 129 2.50 12.52 -23.60
CA VAL C 129 3.86 12.57 -24.15
C VAL C 129 4.88 12.84 -23.06
N PRO C 130 6.14 12.47 -23.32
CA PRO C 130 7.18 12.79 -22.33
C PRO C 130 7.47 14.29 -22.29
N ARG C 131 7.95 14.75 -21.14
CA ARG C 131 8.28 16.14 -20.90
C ARG C 131 9.11 16.77 -22.01
N GLN C 132 10.00 15.99 -22.61
CA GLN C 132 10.84 16.46 -23.71
C GLN C 132 9.99 16.95 -24.90
N VAL C 133 8.95 16.19 -25.21
CA VAL C 133 8.04 16.57 -26.30
C VAL C 133 7.33 17.87 -25.94
N LEU C 134 6.79 17.93 -24.73
CA LEU C 134 6.11 19.13 -24.23
C LEU C 134 6.99 20.36 -24.40
N GLU C 135 8.29 20.23 -24.13
CA GLU C 135 9.21 21.36 -24.26
C GLU C 135 9.27 21.87 -25.71
N GLU C 136 9.27 20.95 -26.66
CA GLU C 136 9.31 21.32 -28.08
C GLU C 136 8.04 22.02 -28.52
N LEU C 137 6.90 21.41 -28.21
CA LEU C 137 5.61 21.97 -28.55
C LEU C 137 5.43 23.39 -27.99
N ALA C 138 6.06 23.67 -26.87
CA ALA C 138 5.97 25.01 -26.30
C ALA C 138 6.64 26.04 -27.21
N LYS C 139 7.83 25.71 -27.70
CA LYS C 139 8.57 26.60 -28.60
C LYS C 139 7.80 26.79 -29.89
N GLU C 140 7.21 25.70 -30.37
CA GLU C 140 6.39 25.73 -31.57
C GLU C 140 5.22 26.71 -31.39
N ALA C 141 4.58 26.62 -30.23
CA ALA C 141 3.41 27.42 -29.94
C ALA C 141 3.77 28.90 -29.86
N GLU C 142 4.91 29.18 -29.25
CA GLU C 142 5.39 30.55 -29.14
C GLU C 142 5.71 31.05 -30.53
N ARG C 143 6.37 30.20 -31.31
CA ARG C 143 6.72 30.50 -32.68
C ARG C 143 5.47 30.87 -33.46
N LEU C 144 4.40 30.10 -33.27
CA LEU C 144 3.14 30.31 -33.96
C LEU C 144 2.48 31.62 -33.55
N ALA C 145 2.48 31.90 -32.25
CA ALA C 145 1.87 33.11 -31.75
C ALA C 145 2.47 34.31 -32.45
N LYS C 146 3.80 34.26 -32.61
CA LYS C 146 4.54 35.31 -33.29
C LYS C 146 4.17 35.43 -34.76
N GLU C 147 4.18 34.30 -35.46
CA GLU C 147 3.87 34.28 -36.89
C GLU C 147 2.47 34.83 -37.19
N PHE C 148 1.47 34.41 -36.41
CA PHE C 148 0.12 34.82 -36.72
C PHE C 148 -0.35 35.99 -35.88
N ASN C 149 0.57 36.54 -35.10
CA ASN C 149 0.30 37.73 -34.30
C ASN C 149 -0.87 37.51 -33.35
N ILE C 150 -0.71 36.55 -32.43
CA ILE C 150 -1.71 36.31 -31.41
C ILE C 150 -1.06 36.17 -30.04
N THR C 151 -1.78 36.53 -28.99
CA THR C 151 -1.25 36.39 -27.64
C THR C 151 -1.23 34.92 -27.20
N ILE C 152 -0.34 34.56 -26.28
CA ILE C 152 -0.20 33.15 -25.89
C ILE C 152 0.00 32.91 -24.38
N THR C 153 -0.68 31.89 -23.86
CA THR C 153 -0.45 31.41 -22.51
C THR C 153 0.08 30.00 -22.65
N ILE C 154 0.94 29.56 -21.73
CA ILE C 154 1.28 28.14 -21.66
C ILE C 154 1.17 27.62 -20.24
N THR C 155 0.33 26.61 -20.07
CA THR C 155 0.12 26.03 -18.74
C THR C 155 0.69 24.62 -18.74
N VAL C 156 1.58 24.34 -17.79
CA VAL C 156 2.06 22.98 -17.66
C VAL C 156 1.55 22.35 -16.38
N THR C 157 1.08 21.13 -16.51
CA THR C 157 0.44 20.48 -15.40
C THR C 157 1.06 19.14 -15.20
N VAL C 158 1.46 18.88 -13.97
CA VAL C 158 2.07 17.62 -13.60
C VAL C 158 1.32 17.09 -12.37
N GLU C 159 0.98 15.81 -12.40
CA GLU C 159 0.27 15.18 -11.31
C GLU C 159 1.14 14.04 -10.79
N GLY C 160 1.11 13.77 -9.49
CA GLY C 160 1.96 12.74 -8.95
C GLY C 160 1.46 12.19 -7.65
N GLN C 161 2.10 11.10 -7.21
CA GLN C 161 1.81 10.54 -5.90
C GLN C 161 3.11 10.07 -5.26
N LEU C 162 3.07 9.83 -3.95
CA LEU C 162 4.25 9.37 -3.23
C LEU C 162 4.66 8.00 -3.75
N GLY C 163 5.92 7.90 -4.18
CA GLY C 163 6.44 6.69 -4.80
C GLY C 163 7.15 5.78 -3.83
N SER C 164 7.81 4.76 -4.37
CA SER C 164 8.46 3.74 -3.57
C SER C 164 9.78 4.23 -3.00
N LEU C 165 10.12 3.80 -1.79
CA LEU C 165 11.43 4.09 -1.22
C LEU C 165 12.59 3.72 -2.15
N GLU C 166 12.51 2.53 -2.72
CA GLU C 166 13.57 2.02 -3.58
C GLU C 166 13.73 2.82 -4.88
N HIS C 167 12.66 3.44 -5.36
CA HIS C 167 12.77 4.30 -6.56
C HIS C 167 13.40 5.68 -6.29
N HIS C 168 12.98 6.33 -5.20
CA HIS C 168 13.58 7.59 -4.75
C HIS C 168 15.10 7.58 -4.82
N HIS C 169 15.70 6.62 -4.09
CA HIS C 169 17.16 6.48 -4.00
C HIS C 169 17.86 6.14 -5.33
N ASP D 3 -5.97 -22.33 -15.48
CA ASP D 3 -6.52 -21.87 -16.77
C ASP D 3 -6.76 -20.36 -16.81
N ILE D 4 -7.76 -19.88 -16.06
CA ILE D 4 -8.05 -18.44 -16.02
C ILE D 4 -7.72 -17.87 -14.64
N GLN D 5 -6.84 -16.89 -14.59
CA GLN D 5 -6.50 -16.26 -13.31
C GLN D 5 -6.88 -14.78 -13.30
N VAL D 6 -7.61 -14.37 -12.27
CA VAL D 6 -8.04 -12.99 -12.15
C VAL D 6 -7.61 -12.41 -10.80
N GLN D 7 -6.90 -11.29 -10.85
CA GLN D 7 -6.36 -10.62 -9.65
C GLN D 7 -6.95 -9.23 -9.52
N VAL D 8 -7.47 -8.92 -8.34
CA VAL D 8 -8.12 -7.64 -8.13
C VAL D 8 -7.42 -6.83 -7.04
N ASN D 9 -7.24 -5.54 -7.30
CA ASN D 9 -6.80 -4.62 -6.26
C ASN D 9 -7.84 -3.52 -6.10
N ILE D 10 -8.41 -3.44 -4.91
CA ILE D 10 -9.35 -2.40 -4.57
C ILE D 10 -8.69 -1.45 -3.57
N ASP D 11 -8.52 -0.20 -3.95
CA ASP D 11 -7.91 0.79 -3.08
C ASP D 11 -9.02 1.66 -2.54
N ASP D 12 -9.28 1.54 -1.25
CA ASP D 12 -10.36 2.33 -0.67
C ASP D 12 -9.73 3.49 0.12
N ASN D 13 -8.48 3.82 -0.25
CA ASN D 13 -7.78 5.04 0.22
C ASN D 13 -7.67 5.19 1.74
N GLY D 14 -6.53 4.77 2.30
CA GLY D 14 -6.36 4.64 3.74
C GLY D 14 -6.15 3.17 4.04
N LYS D 15 -6.93 2.34 3.34
CA LYS D 15 -6.73 0.91 3.30
C LYS D 15 -6.65 0.47 1.85
N ASN D 16 -6.59 -0.84 1.65
CA ASN D 16 -6.24 -1.40 0.36
C ASN D 16 -6.37 -2.94 0.41
N PHE D 17 -7.07 -3.52 -0.57
CA PHE D 17 -7.39 -4.94 -0.52
C PHE D 17 -7.08 -5.70 -1.82
N ASP D 18 -6.38 -6.83 -1.71
CA ASP D 18 -5.94 -7.65 -2.84
C ASP D 18 -6.36 -9.11 -2.71
N TYR D 19 -6.85 -9.68 -3.79
CA TYR D 19 -7.24 -11.07 -3.79
C TYR D 19 -7.16 -11.58 -5.20
N THR D 20 -7.32 -12.89 -5.34
CA THR D 20 -7.18 -13.56 -6.61
C THR D 20 -7.99 -14.84 -6.63
N TYR D 21 -8.76 -15.03 -7.71
CA TYR D 21 -9.37 -16.32 -7.99
C TYR D 21 -8.71 -16.99 -9.21
N THR D 22 -8.52 -18.29 -9.14
CA THR D 22 -8.29 -19.05 -10.35
C THR D 22 -9.57 -19.78 -10.67
N VAL D 23 -9.97 -19.76 -11.92
CA VAL D 23 -11.21 -20.38 -12.35
C VAL D 23 -10.99 -21.08 -13.70
N THR D 24 -11.98 -21.84 -14.15
CA THR D 24 -11.81 -22.61 -15.38
C THR D 24 -12.77 -22.25 -16.53
N THR D 25 -13.85 -21.53 -16.24
CA THR D 25 -14.77 -21.13 -17.30
C THR D 25 -15.05 -19.64 -17.36
N GLU D 26 -15.43 -19.16 -18.53
CA GLU D 26 -15.86 -17.78 -18.67
C GLU D 26 -16.97 -17.45 -17.69
N SER D 27 -17.76 -18.44 -17.32
CA SER D 27 -18.88 -18.22 -16.43
C SER D 27 -18.49 -18.10 -14.95
N GLU D 28 -17.38 -18.71 -14.55
CA GLU D 28 -16.93 -18.54 -13.18
C GLU D 28 -16.14 -17.24 -13.03
N LEU D 29 -15.52 -16.82 -14.13
CA LEU D 29 -14.91 -15.53 -14.22
C LEU D 29 -15.97 -14.43 -14.12
N GLN D 30 -17.14 -14.68 -14.70
CA GLN D 30 -18.16 -13.65 -14.75
C GLN D 30 -18.72 -13.45 -13.35
N LYS D 31 -18.86 -14.56 -12.62
CA LYS D 31 -19.38 -14.52 -11.26
C LYS D 31 -18.47 -13.77 -10.28
N VAL D 32 -17.16 -13.80 -10.52
CA VAL D 32 -16.22 -13.07 -9.67
C VAL D 32 -16.39 -11.58 -9.91
N LEU D 33 -16.46 -11.20 -11.18
CA LEU D 33 -16.62 -9.80 -11.55
C LEU D 33 -17.99 -9.24 -11.16
N ASN D 34 -19.05 -10.05 -11.22
CA ASN D 34 -20.37 -9.60 -10.81
C ASN D 34 -20.36 -9.26 -9.33
N GLU D 35 -19.66 -10.08 -8.56
CA GLU D 35 -19.48 -9.85 -7.14
C GLU D 35 -18.74 -8.54 -6.93
N LEU D 36 -17.69 -8.33 -7.70
CA LEU D 36 -16.95 -7.09 -7.64
C LEU D 36 -17.85 -5.89 -8.02
N ASP D 38 -21.24 -5.61 -7.88
CA ASP D 38 -22.17 -5.38 -6.78
C ASP D 38 -21.53 -4.60 -5.64
N TYR D 39 -20.29 -4.94 -5.31
CA TYR D 39 -19.63 -4.34 -4.18
C TYR D 39 -19.28 -2.88 -4.45
N ILE D 40 -18.62 -2.67 -5.59
CA ILE D 40 -18.22 -1.34 -6.00
C ILE D 40 -19.43 -0.40 -6.07
N LYS D 41 -20.56 -0.93 -6.54
CA LYS D 41 -21.79 -0.15 -6.65
C LYS D 41 -22.35 0.28 -5.30
N LYS D 42 -22.19 -0.55 -4.29
CA LYS D 42 -22.75 -0.25 -2.97
C LYS D 42 -21.75 0.32 -1.95
N GLN D 43 -20.45 0.21 -2.23
CA GLN D 43 -19.43 0.65 -1.27
C GLN D 43 -18.40 1.61 -1.87
N GLY D 44 -18.35 1.68 -3.19
CA GLY D 44 -17.42 2.57 -3.88
C GLY D 44 -15.98 2.17 -3.68
N ALA D 45 -15.07 2.88 -4.33
CA ALA D 45 -13.64 2.70 -4.10
C ALA D 45 -12.87 3.90 -4.63
N LYS D 46 -11.66 4.14 -4.14
CA LYS D 46 -10.86 5.19 -4.76
C LYS D 46 -10.32 4.74 -6.13
N ARG D 47 -9.97 3.46 -6.23
CA ARG D 47 -9.39 2.92 -7.46
C ARG D 47 -9.55 1.40 -7.54
N VAL D 48 -9.64 0.87 -8.75
CA VAL D 48 -9.69 -0.57 -8.95
C VAL D 48 -8.74 -0.96 -10.07
N ARG D 49 -7.98 -2.03 -9.84
CA ARG D 49 -7.16 -2.62 -10.88
C ARG D 49 -7.56 -4.10 -11.05
N ILE D 50 -7.79 -4.53 -12.29
CA ILE D 50 -8.14 -5.91 -12.56
C ILE D 50 -7.19 -6.54 -13.56
N SER D 51 -6.69 -7.72 -13.23
CA SER D 51 -5.78 -8.45 -14.10
C SER D 51 -6.39 -9.78 -14.39
N ILE D 52 -6.49 -10.12 -15.66
CA ILE D 52 -6.94 -11.44 -16.07
C ILE D 52 -5.88 -12.08 -16.94
N THR D 53 -5.49 -13.29 -16.55
CA THR D 53 -4.41 -14.03 -17.19
C THR D 53 -4.94 -15.22 -17.97
N ALA D 54 -4.63 -15.25 -19.26
CA ALA D 54 -5.14 -16.27 -20.20
C ALA D 54 -4.03 -17.08 -20.84
N ARG D 55 -4.41 -18.08 -21.62
CA ARG D 55 -3.45 -18.90 -22.36
C ARG D 55 -3.38 -18.52 -23.83
N SER D 56 -4.47 -17.96 -24.37
CA SER D 56 -4.54 -17.67 -25.80
C SER D 56 -4.85 -16.22 -26.06
N SER D 57 -4.67 -15.78 -27.30
CA SER D 57 -5.01 -14.41 -27.66
C SER D 57 -6.52 -14.17 -27.80
N LYS D 58 -7.25 -15.19 -28.26
CA LYS D 58 -8.71 -15.09 -28.34
C LYS D 58 -9.33 -14.90 -26.97
N GLU D 59 -8.74 -15.53 -25.96
CA GLU D 59 -9.15 -15.29 -24.58
C GLU D 59 -8.77 -13.88 -24.15
N ALA D 60 -7.59 -13.43 -24.56
CA ALA D 60 -7.13 -12.10 -24.16
C ALA D 60 -8.01 -11.04 -24.77
N TYR D 61 -8.32 -11.21 -26.06
CA TYR D 61 -9.27 -10.36 -26.76
C TYR D 61 -10.57 -10.32 -25.97
N LYS D 62 -11.10 -11.50 -25.70
CA LYS D 62 -12.36 -11.63 -24.99
C LYS D 62 -12.32 -10.98 -23.61
N PHE D 63 -11.18 -11.12 -22.93
CA PHE D 63 -11.01 -10.58 -21.58
C PHE D 63 -10.94 -9.06 -21.57
N LEU D 64 -10.35 -8.47 -22.60
CA LEU D 64 -10.31 -7.02 -22.70
C LEU D 64 -11.72 -6.44 -22.92
N ALA D 65 -12.54 -7.16 -23.67
CA ALA D 65 -13.88 -6.68 -23.93
C ALA D 65 -14.72 -6.81 -22.67
N ILE D 66 -14.40 -7.84 -21.88
CA ILE D 66 -15.10 -8.06 -20.62
C ILE D 66 -14.70 -7.02 -19.57
N LEU D 67 -13.43 -6.67 -19.52
CA LEU D 67 -12.98 -5.59 -18.63
C LEU D 67 -13.67 -4.28 -19.02
N ALA D 68 -13.78 -4.01 -20.33
CA ALA D 68 -14.49 -2.80 -20.81
C ALA D 68 -15.93 -2.73 -20.32
N LYS D 69 -16.65 -3.85 -20.39
CA LYS D 69 -18.03 -3.81 -19.96
C LYS D 69 -18.09 -3.58 -18.46
N VAL D 70 -17.11 -4.13 -17.75
CA VAL D 70 -17.05 -3.97 -16.30
C VAL D 70 -16.98 -2.49 -15.92
N PHE D 71 -15.92 -1.81 -16.36
CA PHE D 71 -15.76 -0.39 -16.01
C PHE D 71 -16.94 0.45 -16.51
N ALA D 72 -17.40 0.18 -17.74
CA ALA D 72 -18.57 0.85 -18.29
C ALA D 72 -19.77 0.73 -17.37
N GLU D 73 -20.19 -0.48 -17.11
CA GLU D 73 -21.25 -0.71 -16.15
C GLU D 73 -21.05 0.07 -14.83
N LEU D 74 -19.79 0.17 -14.38
CA LEU D 74 -19.50 0.85 -13.11
C LEU D 74 -19.41 2.35 -13.28
N GLY D 75 -19.38 2.80 -14.53
CA GLY D 75 -19.16 4.21 -14.81
C GLY D 75 -17.76 4.63 -14.43
N TYR D 76 -16.80 3.76 -14.71
CA TYR D 76 -15.40 4.02 -14.40
C TYR D 76 -14.65 4.44 -15.65
N ASN D 77 -13.75 5.40 -15.49
CA ASN D 77 -12.86 5.81 -16.56
C ASN D 77 -11.68 4.88 -16.66
N ASP D 78 -11.43 4.40 -17.87
CA ASP D 78 -10.29 3.56 -18.15
C ASP D 78 -9.01 4.39 -18.13
N ILE D 79 -8.40 4.54 -16.95
CA ILE D 79 -7.25 5.42 -16.79
C ILE D 79 -5.90 4.76 -17.14
N ASN D 80 -5.89 3.44 -17.31
CA ASN D 80 -4.65 2.70 -17.48
C ASN D 80 -4.87 1.34 -18.11
N ARG D 81 -3.94 0.91 -18.97
CA ARG D 81 -4.00 -0.43 -19.56
C ARG D 81 -2.61 -0.91 -19.94
N LYS D 82 -2.36 -2.19 -19.70
CA LYS D 82 -1.09 -2.77 -20.07
C LYS D 82 -1.22 -4.26 -20.29
N THR D 84 1.00 -8.15 -20.09
CA THR D 84 2.19 -8.89 -19.73
C THR D 84 2.15 -10.27 -20.37
N VAL D 85 3.20 -10.55 -21.13
CA VAL D 85 3.37 -11.80 -21.82
C VAL D 85 4.50 -12.55 -21.14
N ARG D 86 4.23 -13.80 -20.82
CA ARG D 86 5.20 -14.65 -20.17
C ARG D 86 5.43 -15.90 -21.02
N PHE D 87 6.64 -16.00 -21.57
CA PHE D 87 7.07 -17.21 -22.28
C PHE D 87 7.90 -18.10 -21.37
N ARG D 88 7.71 -19.41 -21.48
CA ARG D 88 8.53 -20.37 -20.73
C ARG D 88 9.10 -21.44 -21.66
N GLY D 89 10.41 -21.60 -21.65
CA GLY D 89 11.06 -22.52 -22.56
C GLY D 89 12.42 -23.01 -22.07
N ASP D 90 12.73 -24.27 -22.37
CA ASP D 90 14.03 -24.83 -22.03
C ASP D 90 15.12 -24.25 -22.91
N ASP D 91 14.74 -23.80 -24.10
CA ASP D 91 15.69 -23.34 -25.07
C ASP D 91 15.87 -21.82 -24.93
N LEU D 92 17.03 -21.42 -24.40
CA LEU D 92 17.37 -20.00 -24.22
C LEU D 92 17.43 -19.25 -25.53
N GLU D 93 17.87 -19.93 -26.58
CA GLU D 93 18.04 -19.31 -27.87
C GLU D 93 16.67 -18.93 -28.43
N ALA D 94 15.71 -19.84 -28.23
CA ALA D 94 14.33 -19.65 -28.64
C ALA D 94 13.67 -18.48 -27.90
N LEU D 95 13.75 -18.52 -26.58
CA LEU D 95 13.31 -17.43 -25.72
C LEU D 95 13.84 -16.08 -26.20
N GLU D 96 15.16 -15.98 -26.36
CA GLU D 96 15.73 -14.71 -26.79
C GLU D 96 15.30 -14.23 -28.18
N LYS D 97 14.84 -15.15 -29.02
CA LYS D 97 14.32 -14.77 -30.33
C LYS D 97 12.88 -14.27 -30.19
N ALA D 98 12.07 -15.00 -29.42
CA ALA D 98 10.75 -14.53 -29.06
C ALA D 98 10.84 -13.13 -28.43
N LEU D 99 11.79 -12.93 -27.52
CA LEU D 99 12.01 -11.60 -26.95
C LEU D 99 12.32 -10.54 -28.01
N LYS D 100 13.20 -10.86 -28.94
CA LYS D 100 13.64 -9.90 -29.95
C LYS D 100 12.46 -9.43 -30.79
N GLU D 101 11.70 -10.40 -31.30
CA GLU D 101 10.58 -10.14 -32.20
C GLU D 101 9.51 -9.37 -31.48
N ILE D 103 9.58 -7.35 -28.89
CA ILE D 103 9.84 -5.97 -28.54
C ILE D 103 9.96 -5.05 -29.75
N ARG D 104 10.31 -5.62 -30.89
CA ARG D 104 10.33 -4.87 -32.13
C ARG D 104 8.88 -4.50 -32.49
N GLN D 105 8.06 -5.54 -32.69
CA GLN D 105 6.64 -5.39 -32.98
C GLN D 105 5.94 -4.51 -31.98
N ALA D 106 6.43 -4.52 -30.74
CA ALA D 106 5.87 -3.67 -29.70
C ALA D 106 6.21 -2.22 -29.96
N ARG D 107 7.47 -1.96 -30.27
CA ARG D 107 7.92 -0.60 -30.47
C ARG D 107 7.42 -0.03 -31.80
N LYS D 108 7.34 -0.91 -32.81
CA LYS D 108 6.75 -0.57 -34.11
C LYS D 108 5.43 0.19 -33.94
N PHE D 109 4.66 -0.20 -32.93
CA PHE D 109 3.40 0.48 -32.61
C PHE D 109 3.54 1.55 -31.52
N ALA D 110 4.72 2.14 -31.41
CA ALA D 110 5.00 3.19 -30.41
C ALA D 110 4.78 2.72 -28.97
N GLY D 111 4.88 1.41 -28.77
CA GLY D 111 4.73 0.84 -27.45
C GLY D 111 6.02 0.94 -26.67
N THR D 112 5.94 0.70 -25.37
CA THR D 112 7.12 0.68 -24.51
C THR D 112 7.20 -0.64 -23.73
N VAL D 113 8.39 -1.23 -23.70
CA VAL D 113 8.55 -2.54 -23.08
C VAL D 113 9.43 -2.55 -21.84
N THR D 114 9.11 -3.50 -20.99
CA THR D 114 9.90 -3.81 -19.84
C THR D 114 10.03 -5.31 -19.94
N TYR D 115 11.18 -5.86 -19.57
CA TYR D 115 11.32 -7.31 -19.59
C TYR D 115 12.38 -7.82 -18.65
N THR D 116 12.19 -9.05 -18.20
CA THR D 116 13.24 -9.75 -17.47
C THR D 116 13.35 -11.18 -17.95
N LEU D 117 14.58 -11.63 -18.16
CA LEU D 117 14.82 -13.03 -18.48
C LEU D 117 15.47 -13.71 -17.30
N ASP D 118 14.87 -14.80 -16.85
CA ASP D 118 15.36 -15.47 -15.66
C ASP D 118 15.14 -16.96 -15.81
N GLY D 119 16.23 -17.69 -16.03
CA GLY D 119 16.18 -19.14 -16.20
C GLY D 119 15.30 -19.60 -17.36
N ASN D 120 14.21 -20.29 -17.03
CA ASN D 120 13.29 -20.82 -18.04
C ASN D 120 12.12 -19.90 -18.31
N ASP D 121 12.07 -18.79 -17.59
CA ASP D 121 10.95 -17.87 -17.69
C ASP D 121 11.41 -16.60 -18.36
N LEU D 122 10.50 -15.96 -19.07
CA LEU D 122 10.76 -14.69 -19.71
C LEU D 122 9.51 -13.85 -19.55
N GLU D 123 9.65 -12.63 -19.06
CA GLU D 123 8.46 -11.81 -18.83
C GLU D 123 8.58 -10.51 -19.59
N ILE D 124 7.54 -10.14 -20.32
CA ILE D 124 7.52 -8.88 -21.06
C ILE D 124 6.25 -8.10 -20.78
N THR D 125 6.43 -6.84 -20.38
CA THR D 125 5.33 -5.97 -20.04
C THR D 125 5.29 -4.82 -21.04
N ILE D 126 4.13 -4.61 -21.64
CA ILE D 126 3.95 -3.60 -22.67
C ILE D 126 2.91 -2.58 -22.21
N THR D 127 3.28 -1.31 -22.26
CA THR D 127 2.40 -0.24 -21.78
C THR D 127 2.15 0.85 -22.83
N GLY D 128 1.28 1.79 -22.48
CA GLY D 128 1.10 3.01 -23.25
C GLY D 128 0.57 2.87 -24.66
N VAL D 129 -0.22 1.84 -24.91
CA VAL D 129 -0.86 1.72 -26.22
C VAL D 129 -2.37 1.54 -26.07
N PRO D 130 -3.14 2.03 -27.06
CA PRO D 130 -4.59 1.85 -27.06
C PRO D 130 -4.96 0.39 -27.25
N ARG D 131 -6.12 0.03 -26.72
CA ARG D 131 -6.57 -1.36 -26.68
C ARG D 131 -6.35 -2.14 -27.99
N GLN D 132 -6.53 -1.46 -29.12
CA GLN D 132 -6.39 -2.09 -30.44
C GLN D 132 -5.01 -2.72 -30.62
N VAL D 133 -3.98 -1.99 -30.20
CA VAL D 133 -2.60 -2.46 -30.29
C VAL D 133 -2.38 -3.68 -29.42
N LEU D 134 -2.91 -3.63 -28.20
CA LEU D 134 -2.78 -4.73 -27.25
C LEU D 134 -3.40 -5.98 -27.83
N GLU D 135 -4.46 -5.82 -28.61
CA GLU D 135 -5.06 -6.98 -29.26
C GLU D 135 -4.17 -7.54 -30.35
N GLU D 136 -3.49 -6.67 -31.08
CA GLU D 136 -2.58 -7.12 -32.14
C GLU D 136 -1.39 -7.86 -31.55
N LEU D 137 -0.86 -7.31 -30.47
CA LEU D 137 0.33 -7.87 -29.85
C LEU D 137 0.04 -9.22 -29.21
N ALA D 138 -1.20 -9.44 -28.83
CA ALA D 138 -1.57 -10.73 -28.27
C ALA D 138 -1.42 -11.85 -29.30
N LYS D 139 -1.98 -11.63 -30.49
CA LYS D 139 -1.90 -12.62 -31.58
C LYS D 139 -0.45 -12.87 -31.94
N GLU D 140 0.34 -11.80 -31.97
CA GLU D 140 1.76 -11.93 -32.24
C GLU D 140 2.44 -12.86 -31.23
N ALA D 141 2.07 -12.71 -29.96
CA ALA D 141 2.74 -13.44 -28.89
C ALA D 141 2.43 -14.91 -29.03
N GLU D 142 1.16 -15.22 -29.24
CA GLU D 142 0.74 -16.60 -29.45
C GLU D 142 1.46 -17.16 -30.66
N ARG D 143 1.51 -16.36 -31.72
CA ARG D 143 2.19 -16.74 -32.95
C ARG D 143 3.63 -17.19 -32.65
N LEU D 144 4.33 -16.40 -31.84
CA LEU D 144 5.73 -16.70 -31.49
C LEU D 144 5.84 -17.93 -30.59
N ALA D 145 4.87 -18.12 -29.72
CA ALA D 145 4.89 -19.28 -28.84
C ALA D 145 4.84 -20.56 -29.66
N LYS D 146 3.85 -20.63 -30.55
CA LYS D 146 3.72 -21.76 -31.45
C LYS D 146 4.99 -21.91 -32.29
N GLU D 147 5.42 -20.79 -32.89
CA GLU D 147 6.58 -20.80 -33.76
C GLU D 147 7.84 -21.41 -33.14
N PHE D 148 8.11 -21.07 -31.87
CA PHE D 148 9.34 -21.50 -31.22
C PHE D 148 9.10 -22.62 -30.22
N ASN D 149 7.84 -23.08 -30.14
CA ASN D 149 7.49 -24.13 -29.19
C ASN D 149 7.91 -23.79 -27.76
N ILE D 150 7.31 -22.73 -27.23
CA ILE D 150 7.46 -22.39 -25.83
C ILE D 150 6.06 -22.12 -25.31
N THR D 151 5.85 -22.37 -24.01
CA THR D 151 4.55 -22.13 -23.39
C THR D 151 4.33 -20.62 -23.26
N ILE D 152 3.06 -20.18 -23.23
CA ILE D 152 2.77 -18.75 -23.21
C ILE D 152 1.65 -18.39 -22.23
N THR D 153 1.69 -17.16 -21.75
CA THR D 153 0.65 -16.63 -20.88
C THR D 153 0.40 -15.15 -21.17
N ILE D 154 -0.85 -14.74 -21.22
CA ILE D 154 -1.15 -13.35 -21.56
C ILE D 154 -2.05 -12.69 -20.53
N THR D 155 -1.48 -11.74 -19.79
CA THR D 155 -2.23 -11.06 -18.76
C THR D 155 -2.64 -9.68 -19.24
N VAL D 156 -3.92 -9.36 -19.13
CA VAL D 156 -4.38 -8.01 -19.40
C VAL D 156 -4.79 -7.30 -18.13
N THR D 157 -4.48 -6.02 -18.05
CA THR D 157 -4.63 -5.28 -16.83
C THR D 157 -5.23 -3.94 -17.10
N VAL D 158 -6.36 -3.67 -16.43
CA VAL D 158 -7.06 -2.43 -16.61
C VAL D 158 -7.26 -1.81 -15.24
N GLU D 159 -6.85 -0.55 -15.10
CA GLU D 159 -6.99 0.19 -13.86
C GLU D 159 -7.88 1.41 -14.09
N GLY D 160 -8.74 1.70 -13.15
CA GLY D 160 -9.68 2.79 -13.34
C GLY D 160 -10.22 3.39 -12.06
N GLN D 161 -10.95 4.49 -12.21
CA GLN D 161 -11.59 5.16 -11.09
C GLN D 161 -12.98 5.62 -11.53
N LEU D 162 -13.85 5.87 -10.55
CA LEU D 162 -15.20 6.38 -10.82
C LEU D 162 -15.15 7.70 -11.58
N GLY D 163 -15.82 7.75 -12.73
CA GLY D 163 -15.79 8.93 -13.55
C GLY D 163 -16.89 9.93 -13.22
N SER D 164 -17.05 10.92 -14.09
CA SER D 164 -18.06 11.96 -13.91
C SER D 164 -19.43 11.46 -14.33
N LEU D 165 -20.49 12.00 -13.75
CA LEU D 165 -21.84 11.64 -14.19
C LEU D 165 -22.05 11.94 -15.68
N GLU D 166 -21.53 13.08 -16.11
CA GLU D 166 -21.64 13.53 -17.48
C GLU D 166 -21.06 12.56 -18.50
N HIS D 167 -19.87 12.03 -18.25
CA HIS D 167 -19.27 11.07 -19.18
C HIS D 167 -20.04 9.74 -19.29
N HIS D 168 -20.70 9.33 -18.20
CA HIS D 168 -21.46 8.06 -18.19
C HIS D 168 -22.56 8.00 -19.24
N HIS D 169 -23.50 8.94 -19.15
CA HIS D 169 -24.66 9.02 -20.06
C HIS D 169 -24.29 9.13 -21.55
#